data_8JXW
#
_entry.id   8JXW
#
loop_
_entity.id
_entity.type
_entity.pdbx_description
1 polymer 'Guanine nucleotide-binding protein G(i) subunit alpha-1'
2 polymer 'Guanine nucleotide-binding protein G(I)/G(S)/G(T) subunit beta-1'
3 polymer 'Guanine nucleotide-binding protein G(I)/G(S)/G(O) subunit gamma-2'
4 polymer scFv16
5 polymer 'Histamine H4 receptor'
6 non-polymer 2-chloranyl-6-(4-methylpiperazin-1-yl)benzo[b][1,4]benzoxazepine
#
loop_
_entity_poly.entity_id
_entity_poly.type
_entity_poly.pdbx_seq_one_letter_code
_entity_poly.pdbx_strand_id
1 'polypeptide(L)'
;MGCTLSAEDKAAVERSKMIDRNLREDGEKAAREVKLLLLGAGESGKNTIVKQMKIIHEAGYSEEECKQYKAVVYSNTIQS
IIAIIRAMGRLKIDFGDSARADDARQLFVLAGAAEEGFMTAELAGVIKRLWKDSGVQACFNRSREYQLNDSAAYYLNDLD
RIAQPNYIPTQQDVLRTRVKTTGIVETHFTFKDLHFKMFDVGAQRSERKKWIHCFEGVTAIIFCVALSDYDLVLAEDEEM
NRMHASMKLFDSICNNKWFTDTSIILFLNKKDLFEEKIKKSPLTICYPEYAGSNTYEEAAAYIQCQFEDLNKRKDTKEIY
THFTCSTDTKNVQFVFDAVTDVIIKNNLKDCGLF
;
B
2 'polypeptide(L)'
;MGSLLQSELDQLRQEAEQLKNQIRDARKACADATLSQITNNIDPVGRIQMRTRRTLRGHLAKIYAMHWGTDSRLLVSASQ
DGKLIIWDSYTTNKVHAIPLRSSWVMTCAYAPSGNYVACGGLDNICSIYNLKTREGNVRVSRELAGHTGYLSCCRFLDDN
QIVTSSGDTTCALWDIETGQQTTTFTGHTGDVMSLSLAPDTRLFVSGACDASAKLWDVREGMCRQTFTGHESDINAICFF
PNGNAFATGSDDATCRLFDLRADQELMTYSHDNIICGITSVSFSKSGRLLLAGYDDFNCNVWDALKADRAGVLAGHDNRV
SCLGVTDDGMAVATGSWDSFLKIWN
;
C
3 'polypeptide(L)' MASNNTASIAQARKLVEQLKMEANIDRIKVSKAAADLMAYCEAHAKEDPLLTPVPASENPFREKKFFCAIL D
4 'polypeptide(L)'
;VQLVESGGGLVQPGGSRKLSCSASGFAFSSFGMHWVRQAPEKGLEWVAYISSGSGTIYYADTVKGRFTISRDDPKNTLFL
QMTSLRSEDTAMYYCVRSIYYYGSSPFDFWGQGTTLTVSAGGGGSGGGGSGGGGSADIVMTQATSSVPVTPGESVSISCR
SSKSLLHSNGNTYLYWFLQRPGQSPQLLIYRMSNLASGVPDRFSGSGSGTAFTLTISRLEAEDVGVYYCMQHLEYPLTFG
AGTKLEL
;
E
5 'polypeptide(L)'
;MPDTNSTINLSLSTRVTLAFFMSLVAFAIMLGNALVILAFVVDKNLRHRSSYFFLNLAISDFFVGVISIPLYIPHTLFEW
DFGKEICVFWLTTDYLLCTASVYNIVLISYDRYLSVSNAVSYRTQHTGVLKIVTLMVAVWVLAFLVNGPMILVSESWKDE
GSECEPGFFSEWYILAITSFLEFVIPVILVAYFNMNIYWSLWKRDHLSRCQSHPGLTAVSSNICGHSFRGRLSSRRSLSA
STEVPASFHSERQRRKSSLMFSSRTKMNSNTIASKMGSFSQSDSVALHQREHVELLRARRLAKSLAILLGVFAVCWAPYS
LFTIVLSFYSSATGPKSVWYRIAFWLQWFNSFVNPLLYPLCHKRFQKAFLKIFCIKKQPLPSQHSRSVSS
;
R
#
# COMPACT_ATOMS: atom_id res chain seq x y z
N CYS A 3 9.26 3.30 27.22
CA CYS A 3 8.86 4.34 26.28
C CYS A 3 9.41 5.69 26.72
N THR A 4 10.42 6.17 26.00
CA THR A 4 11.08 7.43 26.31
C THR A 4 10.62 8.58 25.44
N LEU A 5 9.55 8.39 24.66
CA LEU A 5 9.04 9.45 23.81
C LEU A 5 8.53 10.61 24.65
N SER A 6 8.69 11.82 24.12
CA SER A 6 8.07 12.99 24.73
C SER A 6 6.59 13.02 24.39
N ALA A 7 5.90 14.10 24.76
CA ALA A 7 4.46 14.16 24.56
C ALA A 7 4.09 14.38 23.10
N GLU A 8 4.87 15.22 22.41
CA GLU A 8 4.60 15.51 21.02
C GLU A 8 4.82 14.29 20.13
N ASP A 9 5.81 13.46 20.47
CA ASP A 9 5.98 12.21 19.74
C ASP A 9 4.78 11.29 19.92
N LYS A 10 4.17 11.29 21.10
CA LYS A 10 3.01 10.45 21.33
C LYS A 10 1.80 10.94 20.53
N ALA A 11 1.64 12.26 20.43
CA ALA A 11 0.57 12.79 19.59
C ALA A 11 0.80 12.42 18.12
N ALA A 12 2.05 12.46 17.67
CA ALA A 12 2.35 12.05 16.30
C ALA A 12 2.02 10.57 16.07
N VAL A 13 2.34 9.72 17.04
CA VAL A 13 2.05 8.29 16.90
C VAL A 13 0.56 8.04 16.80
N GLU A 14 -0.23 8.74 17.63
CA GLU A 14 -1.68 8.59 17.53
C GLU A 14 -2.20 8.98 16.15
N ARG A 15 -1.71 10.10 15.61
CA ARG A 15 -2.15 10.53 14.29
C ARG A 15 -1.82 9.49 13.22
N SER A 16 -0.61 8.94 13.26
CA SER A 16 -0.22 7.93 12.28
C SER A 16 -1.10 6.70 12.35
N LYS A 17 -1.45 6.26 13.55
CA LYS A 17 -2.31 5.08 13.67
C LYS A 17 -3.71 5.35 13.11
N MET A 18 -4.22 6.56 13.31
CA MET A 18 -5.53 6.86 12.71
C MET A 18 -5.46 6.84 11.18
N ILE A 19 -4.36 7.35 10.61
CA ILE A 19 -4.21 7.30 9.16
C ILE A 19 -4.20 5.86 8.67
N ASP A 20 -3.49 4.98 9.39
CA ASP A 20 -3.47 3.56 9.03
C ASP A 20 -4.86 2.95 9.03
N ARG A 21 -5.66 3.27 10.05
CA ARG A 21 -7.02 2.75 10.13
C ARG A 21 -7.84 3.16 8.90
N ASN A 22 -7.76 4.43 8.54
CA ASN A 22 -8.53 4.90 7.37
C ASN A 22 -8.10 4.18 6.10
N LEU A 23 -6.80 4.05 5.88
CA LEU A 23 -6.31 3.36 4.69
C LEU A 23 -6.84 1.94 4.61
N ARG A 24 -6.77 1.21 5.73
CA ARG A 24 -7.20 -0.18 5.73
C ARG A 24 -8.69 -0.31 5.42
N GLU A 25 -9.51 0.57 6.01
CA GLU A 25 -10.94 0.49 5.72
C GLU A 25 -11.25 0.77 4.25
N ASP A 26 -10.59 1.76 3.66
CA ASP A 26 -10.81 2.05 2.24
C ASP A 26 -10.38 0.87 1.37
N GLY A 27 -9.26 0.24 1.70
CA GLY A 27 -8.84 -0.94 0.96
C GLY A 27 -9.82 -2.08 1.07
N GLU A 28 -10.43 -2.26 2.24
CA GLU A 28 -11.51 -3.24 2.37
C GLU A 28 -12.64 -2.93 1.41
N LYS A 29 -13.10 -1.67 1.39
CA LYS A 29 -14.23 -1.34 0.53
C LYS A 29 -13.91 -1.48 -0.95
N ALA A 30 -12.65 -1.32 -1.34
CA ALA A 30 -12.31 -1.32 -2.76
C ALA A 30 -12.20 -2.71 -3.38
N ALA A 31 -12.52 -3.78 -2.66
CA ALA A 31 -12.41 -5.13 -3.18
C ALA A 31 -13.75 -5.86 -3.25
N ARG A 32 -14.86 -5.17 -3.03
CA ARG A 32 -16.18 -5.76 -3.16
C ARG A 32 -16.87 -5.33 -4.45
N GLU A 33 -16.10 -5.03 -5.48
CA GLU A 33 -16.62 -4.51 -6.73
C GLU A 33 -16.26 -5.44 -7.87
N VAL A 34 -16.82 -5.15 -9.05
CA VAL A 34 -16.49 -5.87 -10.27
C VAL A 34 -15.96 -4.85 -11.28
N LYS A 35 -14.85 -5.20 -11.94
CA LYS A 35 -14.19 -4.29 -12.86
C LYS A 35 -14.00 -4.99 -14.20
N LEU A 36 -14.52 -4.38 -15.26
CA LEU A 36 -14.48 -4.96 -16.60
C LEU A 36 -13.77 -4.02 -17.55
N LEU A 37 -12.93 -4.59 -18.41
CA LEU A 37 -12.22 -3.80 -19.41
C LEU A 37 -12.87 -4.00 -20.77
N LEU A 38 -13.23 -2.92 -21.45
CA LEU A 38 -14.03 -3.00 -22.66
C LEU A 38 -13.15 -2.82 -23.89
N LEU A 39 -13.29 -3.72 -24.86
CA LEU A 39 -12.47 -3.70 -26.06
C LEU A 39 -13.34 -3.95 -27.29
N GLY A 40 -12.86 -3.45 -28.42
CA GLY A 40 -13.56 -3.59 -29.67
C GLY A 40 -12.64 -3.43 -30.87
N ALA A 41 -13.10 -2.71 -31.88
CA ALA A 41 -12.32 -2.45 -33.10
C ALA A 41 -12.86 -1.17 -33.71
N GLY A 42 -12.45 -0.90 -34.95
CA GLY A 42 -12.91 0.31 -35.60
C GLY A 42 -14.40 0.31 -35.88
N GLU A 43 -15.14 1.13 -35.13
CA GLU A 43 -16.59 1.23 -35.25
C GLU A 43 -17.28 -0.12 -35.12
N SER A 44 -16.78 -0.94 -34.18
CA SER A 44 -17.33 -2.29 -33.93
C SER A 44 -18.67 -2.18 -33.19
N GLY A 45 -19.30 -1.00 -33.25
CA GLY A 45 -20.59 -0.76 -32.57
C GLY A 45 -20.47 -0.91 -31.07
N LYS A 46 -19.35 -0.48 -30.51
CA LYS A 46 -19.11 -0.57 -29.03
C LYS A 46 -19.97 0.49 -28.32
N ASN A 47 -20.27 1.59 -29.00
CA ASN A 47 -21.10 2.67 -28.42
C ASN A 47 -22.47 2.11 -28.03
N THR A 48 -23.06 1.29 -28.90
CA THR A 48 -24.39 0.68 -28.64
C THR A 48 -24.36 -0.05 -27.27
N ILE A 49 -23.39 -0.93 -27.08
CA ILE A 49 -23.27 -1.68 -25.83
C ILE A 49 -23.21 -0.72 -24.64
N VAL A 50 -22.44 0.36 -24.77
CA VAL A 50 -22.33 1.32 -23.69
C VAL A 50 -23.67 1.98 -23.39
N LYS A 51 -24.39 2.42 -24.43
CA LYS A 51 -25.65 3.13 -24.19
C LYS A 51 -26.73 2.20 -23.68
N GLN A 52 -26.74 0.95 -24.17
CA GLN A 52 -27.79 0.02 -23.79
C GLN A 52 -27.79 -0.27 -22.29
N MET A 53 -26.64 -0.65 -21.74
CA MET A 53 -26.58 -1.05 -20.33
C MET A 53 -26.42 0.18 -19.44
N LYS A 54 -27.54 0.62 -18.89
CA LYS A 54 -27.60 1.58 -17.80
C LYS A 54 -26.99 2.93 -18.15
N ILE A 55 -27.13 3.36 -19.39
CA ILE A 55 -26.72 4.70 -19.79
C ILE A 55 -27.79 5.31 -20.71
N THR A 182 -11.22 12.92 -23.07
CA THR A 182 -9.77 12.74 -23.06
C THR A 182 -9.36 11.69 -22.03
N GLY A 183 -8.53 10.74 -22.47
CA GLY A 183 -8.04 9.71 -21.59
C GLY A 183 -9.04 8.58 -21.36
N ILE A 184 -8.94 7.95 -20.19
CA ILE A 184 -9.82 6.85 -19.86
C ILE A 184 -11.24 7.36 -19.69
N VAL A 185 -12.22 6.51 -20.01
CA VAL A 185 -13.63 6.79 -19.76
C VAL A 185 -14.17 5.68 -18.86
N GLU A 186 -14.92 6.05 -17.84
CA GLU A 186 -15.45 5.10 -16.87
C GLU A 186 -16.97 5.15 -16.87
N THR A 187 -17.59 3.98 -16.85
CA THR A 187 -19.03 3.85 -16.68
C THR A 187 -19.31 3.01 -15.45
N HIS A 188 -20.24 3.47 -14.62
CA HIS A 188 -20.56 2.78 -13.38
C HIS A 188 -22.03 2.41 -13.38
N PHE A 189 -22.35 1.19 -12.96
CA PHE A 189 -23.75 0.83 -12.82
C PHE A 189 -23.92 -0.28 -11.78
N THR A 190 -25.17 -0.48 -11.37
CA THR A 190 -25.52 -1.41 -10.31
C THR A 190 -26.61 -2.34 -10.80
N PHE A 191 -26.41 -3.64 -10.63
CA PHE A 191 -27.39 -4.62 -11.07
C PHE A 191 -27.43 -5.77 -10.10
N LYS A 192 -28.62 -6.05 -9.54
CA LYS A 192 -28.85 -7.20 -8.68
C LYS A 192 -27.83 -7.28 -7.54
N ASP A 193 -27.56 -6.11 -6.94
CA ASP A 193 -26.65 -5.97 -5.80
C ASP A 193 -25.19 -6.22 -6.16
N LEU A 194 -24.81 -6.04 -7.41
CA LEU A 194 -23.41 -5.97 -7.81
C LEU A 194 -23.11 -4.61 -8.41
N HIS A 195 -21.90 -4.12 -8.13
CA HIS A 195 -21.44 -2.82 -8.61
C HIS A 195 -20.38 -3.06 -9.68
N PHE A 196 -20.71 -2.71 -10.92
CA PHE A 196 -19.82 -2.85 -12.07
C PHE A 196 -19.20 -1.52 -12.42
N LYS A 197 -17.89 -1.53 -12.67
CA LYS A 197 -17.17 -0.42 -13.27
C LYS A 197 -16.58 -0.92 -14.58
N MET A 198 -16.89 -0.22 -15.66
CA MET A 198 -16.44 -0.60 -17.00
C MET A 198 -15.54 0.48 -17.53
N PHE A 199 -14.34 0.11 -17.97
CA PHE A 199 -13.36 1.06 -18.46
C PHE A 199 -13.25 0.96 -19.97
N ASP A 200 -13.55 2.07 -20.66
CA ASP A 200 -13.42 2.21 -22.09
C ASP A 200 -12.24 3.10 -22.40
N VAL A 201 -11.45 2.71 -23.39
CA VAL A 201 -10.08 3.21 -23.55
C VAL A 201 -9.78 3.58 -25.00
N GLY A 202 -10.80 3.89 -25.79
CA GLY A 202 -10.57 4.09 -27.21
C GLY A 202 -9.85 5.36 -27.59
N ALA A 203 -9.66 6.28 -26.64
CA ALA A 203 -9.07 7.58 -26.95
C ALA A 203 -7.55 7.60 -26.82
N GLN A 204 -6.93 6.50 -26.41
CA GLN A 204 -5.48 6.44 -26.33
C GLN A 204 -4.90 6.00 -27.67
N ARG A 205 -4.13 6.89 -28.30
CA ARG A 205 -3.61 6.67 -29.64
C ARG A 205 -2.17 6.14 -29.63
N SER A 206 -1.81 5.36 -28.62
CA SER A 206 -0.45 4.82 -28.51
C SER A 206 -0.49 3.30 -28.52
N GLU A 207 0.70 2.71 -28.49
CA GLU A 207 0.82 1.25 -28.57
C GLU A 207 0.33 0.60 -27.27
N ARG A 208 -0.13 -0.65 -27.38
CA ARG A 208 -0.73 -1.34 -26.25
C ARG A 208 0.30 -1.82 -25.24
N LYS A 209 1.58 -1.92 -25.60
CA LYS A 209 2.54 -2.51 -24.67
C LYS A 209 2.94 -1.53 -23.58
N LYS A 210 2.94 -0.23 -23.85
CA LYS A 210 3.26 0.79 -22.86
C LYS A 210 2.14 1.05 -21.88
N TRP A 211 1.05 0.31 -22.02
CA TRP A 211 -0.24 0.71 -21.49
C TRP A 211 -1.07 -0.39 -20.86
N ILE A 212 -0.81 -1.67 -21.11
CA ILE A 212 -1.79 -2.70 -20.81
C ILE A 212 -1.60 -3.32 -19.42
N HIS A 213 -0.35 -3.37 -18.92
CA HIS A 213 -0.05 -4.02 -17.65
C HIS A 213 -0.73 -3.38 -16.47
N CYS A 214 -1.25 -2.15 -16.62
CA CYS A 214 -2.01 -1.53 -15.54
C CYS A 214 -3.33 -2.25 -15.26
N PHE A 215 -3.87 -2.98 -16.25
CA PHE A 215 -5.15 -3.66 -16.11
C PHE A 215 -4.98 -5.13 -15.82
N GLU A 216 -3.95 -5.50 -15.05
CA GLU A 216 -3.62 -6.92 -14.87
C GLU A 216 -4.58 -7.63 -13.92
N GLY A 217 -5.22 -6.89 -13.01
CA GLY A 217 -6.09 -7.52 -12.03
C GLY A 217 -7.56 -7.43 -12.36
N VAL A 218 -7.88 -7.23 -13.62
CA VAL A 218 -9.27 -7.02 -14.02
C VAL A 218 -10.02 -8.35 -13.98
N THR A 219 -11.33 -8.29 -13.72
CA THR A 219 -12.11 -9.51 -13.59
C THR A 219 -12.42 -10.15 -14.94
N ALA A 220 -12.73 -9.36 -15.97
CA ALA A 220 -13.05 -9.92 -17.27
C ALA A 220 -12.90 -8.86 -18.35
N ILE A 221 -12.83 -9.33 -19.59
CA ILE A 221 -12.68 -8.47 -20.76
C ILE A 221 -13.93 -8.63 -21.62
N ILE A 222 -14.61 -7.53 -21.89
CA ILE A 222 -15.81 -7.54 -22.73
C ILE A 222 -15.43 -7.10 -24.14
N PHE A 223 -15.57 -8.01 -25.10
CA PHE A 223 -15.09 -7.82 -26.46
C PHE A 223 -16.27 -7.71 -27.41
N CYS A 224 -16.20 -6.73 -28.32
CA CYS A 224 -17.25 -6.54 -29.31
C CYS A 224 -16.72 -6.77 -30.72
N VAL A 225 -17.48 -7.50 -31.55
CA VAL A 225 -17.15 -7.73 -32.94
C VAL A 225 -18.44 -7.62 -33.75
N ALA A 226 -18.33 -7.14 -34.98
CA ALA A 226 -19.47 -6.93 -35.88
C ALA A 226 -19.48 -7.99 -36.97
N LEU A 227 -20.64 -8.63 -37.17
CA LEU A 227 -20.81 -9.73 -38.11
C LEU A 227 -20.99 -9.26 -39.55
N SER A 228 -21.78 -8.21 -39.75
CA SER A 228 -22.16 -7.79 -41.10
C SER A 228 -20.98 -7.32 -41.94
N ASP A 229 -19.79 -7.22 -41.35
CA ASP A 229 -18.64 -6.63 -42.03
C ASP A 229 -17.69 -7.70 -42.60
N TYR A 230 -18.26 -8.82 -43.04
CA TYR A 230 -17.46 -9.93 -43.61
C TYR A 230 -17.07 -9.59 -45.05
N ASP A 231 -17.83 -8.71 -45.70
CA ASP A 231 -17.56 -8.30 -47.10
C ASP A 231 -17.31 -6.79 -47.14
N LEU A 232 -16.42 -6.29 -46.28
CA LEU A 232 -16.09 -4.84 -46.23
C LEU A 232 -14.57 -4.67 -46.15
N VAL A 233 -13.84 -5.25 -47.10
CA VAL A 233 -12.35 -5.16 -47.13
C VAL A 233 -11.95 -3.68 -47.09
N LEU A 234 -11.03 -3.32 -46.19
CA LEU A 234 -10.56 -1.91 -46.05
C LEU A 234 -9.10 -1.82 -46.51
N MET A 240 -9.31 -8.02 -48.05
CA MET A 240 -8.82 -7.78 -46.70
C MET A 240 -9.96 -7.19 -45.87
N ASN A 241 -10.78 -8.06 -45.30
CA ASN A 241 -12.04 -7.66 -44.69
C ASN A 241 -11.88 -7.42 -43.19
N ARG A 242 -12.99 -7.06 -42.55
CA ARG A 242 -12.95 -6.69 -41.13
C ARG A 242 -12.87 -7.91 -40.23
N MET A 243 -13.47 -9.02 -40.65
CA MET A 243 -13.39 -10.26 -39.87
C MET A 243 -11.94 -10.65 -39.61
N HIS A 244 -11.05 -10.40 -40.57
CA HIS A 244 -9.65 -10.75 -40.38
C HIS A 244 -9.01 -9.88 -39.30
N ALA A 245 -9.33 -8.59 -39.26
CA ALA A 245 -8.84 -7.74 -38.18
C ALA A 245 -9.38 -8.17 -36.83
N SER A 246 -10.68 -8.50 -36.77
CA SER A 246 -11.24 -8.96 -35.50
C SER A 246 -10.55 -10.23 -35.03
N MET A 247 -10.29 -11.17 -35.95
CA MET A 247 -9.56 -12.38 -35.59
C MET A 247 -8.16 -12.06 -35.10
N LYS A 248 -7.45 -11.17 -35.80
CA LYS A 248 -6.08 -10.86 -35.42
C LYS A 248 -6.02 -10.24 -34.03
N LEU A 249 -6.93 -9.31 -33.74
CA LEU A 249 -6.88 -8.64 -32.45
C LEU A 249 -7.34 -9.56 -31.33
N PHE A 250 -8.34 -10.43 -31.61
CA PHE A 250 -8.77 -11.41 -30.63
C PHE A 250 -7.63 -12.38 -30.30
N ASP A 251 -6.89 -12.82 -31.31
CA ASP A 251 -5.76 -13.71 -31.06
C ASP A 251 -4.63 -13.01 -30.32
N SER A 252 -4.45 -11.71 -30.57
CA SER A 252 -3.46 -10.97 -29.80
C SER A 252 -3.86 -10.86 -28.33
N ILE A 253 -5.15 -10.61 -28.06
CA ILE A 253 -5.59 -10.42 -26.68
C ILE A 253 -5.56 -11.73 -25.91
N CYS A 254 -6.08 -12.82 -26.52
CA CYS A 254 -6.22 -14.07 -25.77
C CYS A 254 -4.89 -14.58 -25.23
N ASN A 255 -3.87 -14.61 -26.08
CA ASN A 255 -2.60 -15.24 -25.73
C ASN A 255 -1.65 -14.29 -25.02
N ASN A 256 -2.17 -13.23 -24.40
CA ASN A 256 -1.33 -12.27 -23.71
C ASN A 256 -0.83 -12.84 -22.40
N LYS A 257 0.39 -12.46 -22.02
CA LYS A 257 0.99 -13.00 -20.80
C LYS A 257 0.42 -12.37 -19.53
N TRP A 258 -0.18 -11.18 -19.62
CA TRP A 258 -0.83 -10.57 -18.47
C TRP A 258 -2.23 -11.12 -18.23
N PHE A 259 -2.79 -11.86 -19.19
CA PHE A 259 -4.14 -12.36 -19.08
C PHE A 259 -4.17 -13.88 -19.13
N THR A 260 -3.28 -14.52 -18.37
CA THR A 260 -3.20 -15.97 -18.38
C THR A 260 -4.38 -16.64 -17.69
N ASP A 261 -5.18 -15.90 -16.92
CA ASP A 261 -6.39 -16.47 -16.33
C ASP A 261 -7.57 -15.51 -16.36
N THR A 262 -7.54 -14.51 -17.23
CA THR A 262 -8.64 -13.56 -17.37
C THR A 262 -9.55 -13.99 -18.51
N SER A 263 -10.83 -14.13 -18.22
CA SER A 263 -11.76 -14.64 -19.20
C SER A 263 -12.36 -13.51 -20.05
N ILE A 264 -13.02 -13.92 -21.13
CA ILE A 264 -13.49 -13.01 -22.18
C ILE A 264 -14.97 -13.23 -22.37
N ILE A 265 -15.71 -12.16 -22.64
CA ILE A 265 -17.13 -12.20 -22.96
C ILE A 265 -17.30 -11.61 -24.35
N LEU A 266 -17.70 -12.44 -25.31
CA LEU A 266 -17.66 -12.09 -26.72
C LEU A 266 -19.05 -11.74 -27.23
N PHE A 267 -19.18 -10.57 -27.84
CA PHE A 267 -20.43 -10.09 -28.40
C PHE A 267 -20.31 -10.04 -29.92
N LEU A 268 -21.30 -10.58 -30.61
CA LEU A 268 -21.41 -10.51 -32.06
C LEU A 268 -22.58 -9.62 -32.41
N ASN A 269 -22.33 -8.57 -33.19
CA ASN A 269 -23.29 -7.51 -33.45
C ASN A 269 -23.86 -7.61 -34.85
N LYS A 270 -24.97 -6.91 -35.05
CA LYS A 270 -25.57 -6.71 -36.38
C LYS A 270 -25.83 -8.04 -37.07
N LYS A 271 -26.65 -8.87 -36.43
CA LYS A 271 -27.03 -10.13 -37.06
C LYS A 271 -28.00 -9.92 -38.21
N ASP A 272 -28.87 -8.91 -38.12
CA ASP A 272 -29.87 -8.65 -39.15
C ASP A 272 -29.20 -8.33 -40.48
N LEU A 273 -28.50 -7.19 -40.55
CA LEU A 273 -27.92 -6.75 -41.80
C LEU A 273 -27.05 -7.83 -42.43
N PHE A 274 -26.38 -8.63 -41.60
CA PHE A 274 -25.66 -9.79 -42.10
C PHE A 274 -26.62 -10.80 -42.73
N GLU A 275 -27.78 -11.03 -42.10
CA GLU A 275 -28.73 -12.00 -42.64
C GLU A 275 -29.28 -11.56 -44.00
N GLU A 276 -29.62 -10.28 -44.15
CA GLU A 276 -30.03 -9.83 -45.48
C GLU A 276 -28.86 -9.83 -46.46
N LYS A 277 -27.65 -9.49 -46.02
CA LYS A 277 -26.54 -9.42 -46.96
C LYS A 277 -26.11 -10.81 -47.44
N ILE A 278 -26.35 -11.86 -46.66
CA ILE A 278 -26.03 -13.21 -47.13
C ILE A 278 -27.10 -13.77 -48.04
N LYS A 279 -28.19 -13.04 -48.28
CA LYS A 279 -29.15 -13.47 -49.29
C LYS A 279 -28.57 -13.34 -50.69
N LYS A 280 -27.61 -12.44 -50.87
CA LYS A 280 -26.98 -12.22 -52.17
C LYS A 280 -25.55 -12.71 -52.26
N SER A 281 -24.77 -12.56 -51.20
CA SER A 281 -23.37 -12.97 -51.19
C SER A 281 -23.12 -13.94 -50.04
N PRO A 282 -22.89 -15.21 -50.32
CA PRO A 282 -22.58 -16.16 -49.24
C PRO A 282 -21.21 -15.89 -48.63
N LEU A 283 -20.90 -16.67 -47.59
CA LEU A 283 -19.64 -16.52 -46.88
C LEU A 283 -18.43 -16.90 -47.73
N THR A 284 -18.64 -17.52 -48.89
CA THR A 284 -17.52 -17.92 -49.74
C THR A 284 -16.71 -16.73 -50.24
N ILE A 285 -17.31 -15.52 -50.23
CA ILE A 285 -16.59 -14.33 -50.69
C ILE A 285 -15.33 -14.10 -49.85
N CYS A 286 -15.34 -14.55 -48.60
CA CYS A 286 -14.18 -14.45 -47.72
C CYS A 286 -13.79 -15.77 -47.07
N TYR A 287 -14.64 -16.79 -47.13
CA TYR A 287 -14.36 -18.13 -46.60
C TYR A 287 -14.56 -19.14 -47.72
N PRO A 288 -13.62 -19.22 -48.67
CA PRO A 288 -13.78 -20.19 -49.76
C PRO A 288 -13.83 -21.63 -49.30
N GLU A 289 -13.29 -21.94 -48.11
CA GLU A 289 -13.27 -23.31 -47.61
C GLU A 289 -14.53 -23.70 -46.86
N TYR A 290 -15.46 -22.77 -46.67
CA TYR A 290 -16.73 -23.09 -46.00
C TYR A 290 -17.57 -23.99 -46.91
N ALA A 291 -18.20 -25.00 -46.30
CA ALA A 291 -18.88 -26.06 -47.03
C ALA A 291 -20.29 -26.28 -46.49
N GLY A 292 -21.04 -25.20 -46.32
CA GLY A 292 -22.41 -25.27 -45.85
C GLY A 292 -23.33 -24.41 -46.70
N SER A 293 -24.62 -24.52 -46.39
CA SER A 293 -25.62 -23.77 -47.13
C SER A 293 -25.59 -22.29 -46.77
N ASN A 294 -26.24 -21.49 -47.60
CA ASN A 294 -26.30 -20.04 -47.40
C ASN A 294 -27.57 -19.64 -46.66
N THR A 295 -27.66 -20.10 -45.42
CA THR A 295 -28.77 -19.77 -44.52
C THR A 295 -28.22 -19.04 -43.29
N TYR A 296 -29.09 -18.81 -42.32
CA TYR A 296 -28.72 -17.99 -41.17
C TYR A 296 -27.91 -18.76 -40.14
N GLU A 297 -28.50 -19.83 -39.58
CA GLU A 297 -27.90 -20.46 -38.41
C GLU A 297 -26.62 -21.21 -38.75
N GLU A 298 -26.53 -21.79 -39.94
CA GLU A 298 -25.28 -22.45 -40.32
C GLU A 298 -24.13 -21.47 -40.36
N ALA A 299 -24.33 -20.31 -41.00
CA ALA A 299 -23.29 -19.29 -41.04
C ALA A 299 -22.97 -18.76 -39.65
N ALA A 300 -24.00 -18.53 -38.83
CA ALA A 300 -23.77 -18.03 -37.48
C ALA A 300 -22.91 -18.99 -36.67
N ALA A 301 -23.28 -20.27 -36.66
CA ALA A 301 -22.51 -21.26 -35.92
C ALA A 301 -21.09 -21.39 -36.47
N TYR A 302 -20.95 -21.30 -37.80
CA TYR A 302 -19.61 -21.39 -38.37
C TYR A 302 -18.73 -20.24 -37.91
N ILE A 303 -19.27 -19.01 -37.91
CA ILE A 303 -18.47 -17.88 -37.48
C ILE A 303 -18.13 -17.99 -35.99
N GLN A 304 -19.10 -18.41 -35.17
CA GLN A 304 -18.86 -18.52 -33.75
C GLN A 304 -17.76 -19.53 -33.46
N CYS A 305 -17.82 -20.71 -34.10
CA CYS A 305 -16.77 -21.69 -33.88
C CYS A 305 -15.43 -21.23 -34.44
N GLN A 306 -15.45 -20.48 -35.55
CA GLN A 306 -14.21 -19.93 -36.09
C GLN A 306 -13.54 -19.00 -35.08
N PHE A 307 -14.33 -18.17 -34.40
CA PHE A 307 -13.76 -17.24 -33.43
C PHE A 307 -13.37 -17.91 -32.12
N GLU A 308 -14.07 -18.98 -31.72
CA GLU A 308 -13.75 -19.61 -30.46
C GLU A 308 -12.66 -20.67 -30.59
N ASP A 309 -12.33 -21.10 -31.81
CA ASP A 309 -11.22 -22.02 -32.00
C ASP A 309 -9.87 -21.36 -31.82
N LEU A 310 -9.80 -20.03 -31.82
CA LEU A 310 -8.54 -19.31 -31.71
C LEU A 310 -7.89 -19.44 -30.35
N ASN A 311 -8.61 -19.93 -29.34
CA ASN A 311 -8.06 -20.08 -28.01
C ASN A 311 -6.89 -21.06 -28.01
N LYS A 312 -5.89 -20.80 -27.18
CA LYS A 312 -4.74 -21.67 -27.02
C LYS A 312 -4.55 -22.10 -25.58
N ARG A 313 -5.41 -21.64 -24.68
CA ARG A 313 -5.33 -21.92 -23.25
C ARG A 313 -6.65 -22.52 -22.76
N LYS A 314 -7.12 -23.54 -23.47
CA LYS A 314 -8.45 -24.09 -23.23
C LYS A 314 -8.61 -24.63 -21.82
N ASP A 315 -7.53 -25.00 -21.15
CA ASP A 315 -7.62 -25.61 -19.83
C ASP A 315 -7.68 -24.58 -18.69
N THR A 316 -7.34 -23.32 -18.96
CA THR A 316 -7.24 -22.31 -17.91
C THR A 316 -8.39 -21.30 -17.91
N LYS A 317 -8.81 -20.83 -19.08
CA LYS A 317 -9.86 -19.82 -19.15
C LYS A 317 -10.87 -20.21 -20.23
N GLU A 318 -12.09 -19.73 -20.07
CA GLU A 318 -13.17 -20.01 -21.01
C GLU A 318 -13.41 -18.81 -21.92
N ILE A 319 -14.39 -18.96 -22.80
CA ILE A 319 -14.84 -17.89 -23.70
C ILE A 319 -16.35 -18.02 -23.82
N TYR A 320 -17.06 -16.94 -23.56
CA TYR A 320 -18.52 -16.93 -23.62
C TYR A 320 -18.96 -16.16 -24.85
N THR A 321 -20.12 -16.53 -25.40
CA THR A 321 -20.56 -15.97 -26.67
C THR A 321 -22.02 -15.59 -26.60
N HIS A 322 -22.39 -14.57 -27.37
CA HIS A 322 -23.76 -14.07 -27.40
C HIS A 322 -24.03 -13.42 -28.76
N PHE A 323 -25.29 -13.43 -29.16
CA PHE A 323 -25.75 -12.74 -30.36
C PHE A 323 -26.60 -11.55 -29.91
N THR A 324 -26.14 -10.35 -30.25
CA THR A 324 -26.59 -9.13 -29.58
C THR A 324 -28.08 -8.90 -29.78
N CYS A 325 -28.85 -9.02 -28.70
CA CYS A 325 -30.27 -8.72 -28.73
C CYS A 325 -30.48 -7.21 -28.88
N SER A 326 -31.75 -6.83 -29.05
CA SER A 326 -32.07 -5.41 -29.16
C SER A 326 -33.34 -5.02 -28.43
N THR A 327 -34.00 -5.92 -27.69
CA THR A 327 -35.34 -5.68 -27.21
C THR A 327 -35.46 -5.61 -25.69
N ASP A 328 -34.46 -6.06 -24.95
CA ASP A 328 -34.63 -6.22 -23.51
C ASP A 328 -33.26 -6.26 -22.84
N THR A 329 -33.23 -6.63 -21.56
CA THR A 329 -32.04 -6.59 -20.74
C THR A 329 -31.18 -7.85 -20.86
N LYS A 330 -31.34 -8.63 -21.94
CA LYS A 330 -30.55 -9.84 -22.09
C LYS A 330 -29.06 -9.54 -22.18
N ASN A 331 -28.70 -8.43 -22.82
CA ASN A 331 -27.30 -8.06 -22.96
C ASN A 331 -26.63 -7.81 -21.61
N VAL A 332 -27.41 -7.53 -20.57
CA VAL A 332 -26.88 -7.33 -19.23
C VAL A 332 -26.94 -8.60 -18.40
N GLN A 333 -28.03 -9.36 -18.53
CA GLN A 333 -28.14 -10.62 -17.82
C GLN A 333 -27.07 -11.60 -18.23
N PHE A 334 -26.67 -11.59 -19.50
CA PHE A 334 -25.59 -12.48 -19.93
C PHE A 334 -24.29 -12.14 -19.22
N VAL A 335 -23.98 -10.85 -19.10
CA VAL A 335 -22.77 -10.43 -18.40
C VAL A 335 -22.85 -10.84 -16.93
N PHE A 336 -24.01 -10.65 -16.32
CA PHE A 336 -24.19 -11.01 -14.91
C PHE A 336 -23.92 -12.50 -14.69
N ASP A 337 -24.48 -13.34 -15.56
CA ASP A 337 -24.29 -14.79 -15.41
C ASP A 337 -22.84 -15.20 -15.64
N ALA A 338 -22.20 -14.66 -16.66
CA ALA A 338 -20.81 -15.02 -16.91
C ALA A 338 -19.91 -14.60 -15.75
N VAL A 339 -20.18 -13.44 -15.16
CA VAL A 339 -19.36 -12.97 -14.05
C VAL A 339 -19.57 -13.85 -12.82
N THR A 340 -20.83 -14.27 -12.57
CA THR A 340 -21.07 -15.18 -11.46
C THR A 340 -20.31 -16.50 -11.65
N ASP A 341 -20.28 -17.02 -12.87
CA ASP A 341 -19.51 -18.24 -13.14
C ASP A 341 -18.03 -18.04 -12.86
N VAL A 342 -17.47 -16.91 -13.31
CA VAL A 342 -16.05 -16.64 -13.05
C VAL A 342 -15.79 -16.60 -11.54
N ILE A 343 -16.67 -15.93 -10.79
CA ILE A 343 -16.48 -15.79 -9.35
C ILE A 343 -16.47 -17.16 -8.67
N ILE A 344 -17.44 -18.00 -9.01
CA ILE A 344 -17.55 -19.32 -8.38
C ILE A 344 -16.30 -20.15 -8.67
N LYS A 345 -15.86 -20.17 -9.94
CA LYS A 345 -14.69 -20.97 -10.28
C LYS A 345 -13.44 -20.47 -9.57
N ASN A 346 -13.30 -19.14 -9.43
CA ASN A 346 -12.14 -18.61 -8.70
C ASN A 346 -12.16 -19.04 -7.24
N ASN A 347 -13.34 -18.98 -6.61
CA ASN A 347 -13.43 -19.40 -5.21
C ASN A 347 -13.03 -20.86 -5.06
N LEU A 348 -13.48 -21.73 -5.96
CA LEU A 348 -13.09 -23.14 -5.86
C LEU A 348 -11.59 -23.31 -6.09
N LYS A 349 -11.02 -22.64 -7.09
CA LYS A 349 -9.62 -22.87 -7.39
C LYS A 349 -8.68 -22.28 -6.34
N ASP A 350 -9.14 -21.32 -5.54
CA ASP A 350 -8.27 -20.79 -4.49
C ASP A 350 -7.95 -21.83 -3.43
N CYS A 351 -8.94 -22.64 -3.05
CA CYS A 351 -8.78 -23.63 -1.98
C CYS A 351 -7.99 -24.86 -2.43
N GLY A 352 -7.40 -24.84 -3.62
CA GLY A 352 -6.69 -26.00 -4.12
C GLY A 352 -7.55 -27.23 -4.30
N LEU A 353 -8.87 -27.07 -4.32
CA LEU A 353 -9.81 -28.18 -4.21
C LEU A 353 -10.04 -28.85 -5.56
N ASP B 10 14.53 15.75 -52.75
CA ASP B 10 15.71 14.91 -52.87
C ASP B 10 16.98 15.69 -52.51
N GLN B 11 17.06 16.95 -52.93
CA GLN B 11 18.20 17.78 -52.55
C GLN B 11 18.29 17.95 -51.04
N LEU B 12 17.14 18.19 -50.39
CA LEU B 12 17.12 18.30 -48.94
C LEU B 12 17.55 17.01 -48.28
N ARG B 13 17.10 15.87 -48.82
CA ARG B 13 17.51 14.57 -48.27
C ARG B 13 19.02 14.37 -48.40
N GLN B 14 19.57 14.71 -49.57
CA GLN B 14 21.01 14.56 -49.77
C GLN B 14 21.80 15.44 -48.82
N GLU B 15 21.38 16.70 -48.66
CA GLU B 15 22.08 17.58 -47.73
C GLU B 15 21.94 17.11 -46.29
N ALA B 16 20.80 16.52 -45.95
CA ALA B 16 20.62 15.94 -44.61
C ALA B 16 21.57 14.77 -44.40
N GLU B 17 21.75 13.92 -45.41
CA GLU B 17 22.73 12.84 -45.32
C GLU B 17 24.13 13.41 -45.15
N GLN B 18 24.45 14.47 -45.87
CA GLN B 18 25.76 15.12 -45.73
C GLN B 18 25.96 15.62 -44.29
N LEU B 19 24.94 16.25 -43.73
CA LEU B 19 25.04 16.76 -42.36
C LEU B 19 25.16 15.62 -41.34
N LYS B 20 24.43 14.53 -41.57
CA LYS B 20 24.54 13.38 -40.68
C LYS B 20 25.94 12.80 -40.71
N ASN B 21 26.53 12.68 -41.92
CA ASN B 21 27.91 12.20 -42.01
C ASN B 21 28.89 13.18 -41.38
N GLN B 22 28.61 14.48 -41.49
CA GLN B 22 29.43 15.48 -40.79
C GLN B 22 29.42 15.22 -39.28
N ILE B 23 28.24 14.99 -38.72
CA ILE B 23 28.13 14.74 -37.29
C ILE B 23 28.85 13.45 -36.91
N ARG B 24 28.65 12.39 -37.72
CA ARG B 24 29.32 11.12 -37.46
C ARG B 24 30.84 11.28 -37.43
N ASP B 25 31.40 11.94 -38.45
CA ASP B 25 32.84 12.07 -38.54
C ASP B 25 33.39 13.02 -37.47
N ALA B 26 32.63 14.05 -37.12
CA ALA B 26 33.04 14.92 -36.02
C ALA B 26 33.13 14.14 -34.71
N ARG B 27 32.15 13.26 -34.47
CA ARG B 27 32.20 12.43 -33.28
C ARG B 27 33.38 11.45 -33.34
N LYS B 28 33.66 10.91 -34.52
CA LYS B 28 34.77 9.97 -34.66
C LYS B 28 36.11 10.65 -34.41
N ALA B 29 36.23 11.92 -34.79
CA ALA B 29 37.54 12.59 -34.76
C ALA B 29 38.08 12.74 -33.35
N CYS B 30 37.22 12.79 -32.34
CA CYS B 30 37.64 13.12 -30.98
C CYS B 30 37.86 11.91 -30.11
N ALA B 31 37.95 10.71 -30.69
CA ALA B 31 38.11 9.48 -29.91
C ALA B 31 39.60 9.18 -29.71
N ASP B 32 40.27 10.10 -29.02
CA ASP B 32 41.69 9.90 -28.74
C ASP B 32 41.91 8.73 -27.79
N ALA B 33 41.03 8.57 -26.81
CA ALA B 33 41.11 7.45 -25.87
C ALA B 33 39.74 7.27 -25.22
N THR B 34 39.55 6.11 -24.60
CA THR B 34 38.28 5.76 -23.97
C THR B 34 38.37 5.91 -22.46
N LEU B 35 37.22 5.71 -21.80
CA LEU B 35 37.16 5.78 -20.34
C LEU B 35 37.74 4.54 -19.69
N SER B 36 37.55 3.37 -20.30
CA SER B 36 37.94 2.11 -19.66
C SER B 36 39.45 1.93 -19.57
N GLN B 37 40.20 2.45 -20.53
CA GLN B 37 41.65 2.25 -20.56
C GLN B 37 42.40 3.15 -19.60
N ILE B 38 41.77 4.20 -19.07
CA ILE B 38 42.47 5.17 -18.26
C ILE B 38 42.19 5.01 -16.77
N THR B 39 40.99 4.59 -16.39
CA THR B 39 40.65 4.46 -14.98
C THR B 39 41.05 3.12 -14.37
N ASN B 40 41.72 2.25 -15.13
CA ASN B 40 42.07 0.93 -14.63
C ASN B 40 43.16 0.96 -13.57
N ASN B 41 43.59 2.13 -13.12
CA ASN B 41 44.62 2.26 -12.10
C ASN B 41 44.07 2.80 -10.78
N ILE B 42 42.75 2.76 -10.59
CA ILE B 42 42.12 3.29 -9.38
C ILE B 42 41.69 2.14 -8.50
N ASP B 43 41.82 2.32 -7.19
CA ASP B 43 41.34 1.32 -6.25
C ASP B 43 39.82 1.19 -6.37
N PRO B 44 39.27 -0.01 -6.25
CA PRO B 44 37.83 -0.18 -6.38
C PRO B 44 37.06 0.01 -5.08
N VAL B 45 35.74 -0.09 -5.20
CA VAL B 45 34.91 -0.03 -4.01
C VAL B 45 35.05 -1.31 -3.19
N GLY B 46 35.62 -2.35 -3.76
CA GLY B 46 35.71 -3.62 -3.06
C GLY B 46 34.37 -4.30 -3.05
N ARG B 47 33.87 -4.62 -1.86
CA ARG B 47 32.53 -5.17 -1.69
C ARG B 47 31.72 -4.23 -0.82
N ILE B 48 30.51 -3.93 -1.26
CA ILE B 48 29.61 -3.03 -0.54
C ILE B 48 28.40 -3.85 -0.10
N GLN B 49 28.11 -3.80 1.20
CA GLN B 49 26.99 -4.52 1.78
C GLN B 49 26.06 -3.51 2.43
N MET B 50 24.75 -3.70 2.24
CA MET B 50 23.76 -2.79 2.78
C MET B 50 22.66 -3.59 3.48
N ARG B 51 22.04 -2.97 4.48
CA ARG B 51 21.05 -3.62 5.31
C ARG B 51 19.80 -2.77 5.39
N THR B 52 18.66 -3.43 5.58
CA THR B 52 17.38 -2.75 5.65
C THR B 52 17.18 -2.17 7.04
N ARG B 53 17.16 -0.84 7.14
CA ARG B 53 16.93 -0.20 8.42
C ARG B 53 15.45 -0.06 8.77
N ARG B 54 14.62 0.29 7.80
CA ARG B 54 13.20 0.49 8.04
C ARG B 54 12.40 -0.23 6.96
N THR B 55 11.11 -0.42 7.22
CA THR B 55 10.18 -0.96 6.24
C THR B 55 8.85 -0.27 6.41
N LEU B 56 8.39 0.38 5.35
CA LEU B 56 7.20 1.22 5.39
C LEU B 56 6.04 0.49 4.73
N ARG B 57 4.96 0.30 5.48
CA ARG B 57 3.84 -0.52 5.05
C ARG B 57 2.56 0.30 5.04
N GLY B 58 1.64 -0.08 4.15
CA GLY B 58 0.35 0.58 4.10
C GLY B 58 -0.25 0.77 2.72
N HIS B 59 0.57 0.83 1.67
CA HIS B 59 0.03 0.77 0.32
C HIS B 59 -0.44 -0.64 0.03
N LEU B 60 -1.55 -0.76 -0.72
CA LEU B 60 -2.14 -2.06 -1.00
C LEU B 60 -1.81 -2.57 -2.41
N ALA B 61 -1.97 -1.74 -3.42
CA ALA B 61 -1.74 -2.15 -4.79
C ALA B 61 -0.28 -1.87 -5.17
N LYS B 62 0.04 -1.95 -6.46
CA LYS B 62 1.39 -1.69 -6.94
C LYS B 62 1.78 -0.24 -6.68
N ILE B 63 3.08 -0.01 -6.52
CA ILE B 63 3.64 1.32 -6.27
C ILE B 63 4.37 1.79 -7.52
N TYR B 64 4.09 3.01 -7.97
CA TYR B 64 4.60 3.45 -9.25
C TYR B 64 5.68 4.54 -9.19
N ALA B 65 5.73 5.38 -8.16
CA ALA B 65 6.81 6.35 -8.06
C ALA B 65 6.95 6.85 -6.63
N MET B 66 8.13 7.42 -6.34
CA MET B 66 8.40 8.11 -5.08
C MET B 66 9.36 9.26 -5.34
N HIS B 67 9.48 10.16 -4.35
CA HIS B 67 10.37 11.31 -4.48
C HIS B 67 10.76 11.81 -3.09
N TRP B 68 12.05 12.08 -2.90
CA TRP B 68 12.60 12.57 -1.64
C TRP B 68 12.37 14.06 -1.46
N GLY B 69 12.17 14.48 -0.21
CA GLY B 69 12.16 15.88 0.12
C GLY B 69 13.56 16.43 0.31
N THR B 70 13.69 17.76 0.28
CA THR B 70 15.01 18.38 0.32
C THR B 70 15.57 18.52 1.72
N ASP B 71 14.79 18.22 2.76
CA ASP B 71 15.32 18.19 4.12
C ASP B 71 15.80 16.80 4.53
N SER B 72 15.75 15.83 3.61
CA SER B 72 16.28 14.48 3.78
C SER B 72 15.54 13.67 4.83
N ARG B 73 14.29 14.03 5.14
CA ARG B 73 13.58 13.30 6.17
C ARG B 73 12.16 12.94 5.78
N LEU B 74 11.58 13.65 4.82
CA LEU B 74 10.20 13.43 4.41
C LEU B 74 10.15 12.84 3.01
N LEU B 75 9.10 12.07 2.74
CA LEU B 75 9.04 11.28 1.50
C LEU B 75 7.60 11.17 1.01
N VAL B 76 7.42 11.09 -0.30
CA VAL B 76 6.09 10.99 -0.92
C VAL B 76 6.06 9.78 -1.84
N SER B 77 4.91 9.09 -1.89
CA SER B 77 4.79 7.93 -2.76
C SER B 77 3.35 7.79 -3.26
N ALA B 78 3.21 7.10 -4.40
CA ALA B 78 1.95 6.96 -5.12
C ALA B 78 1.74 5.55 -5.63
N SER B 79 0.50 5.09 -5.58
CA SER B 79 0.12 3.75 -6.02
C SER B 79 -1.19 3.82 -6.79
N GLN B 80 -1.63 2.67 -7.29
CA GLN B 80 -2.88 2.56 -8.03
C GLN B 80 -4.09 2.44 -7.12
N ASP B 81 -3.90 2.62 -5.81
CA ASP B 81 -5.03 2.65 -4.89
C ASP B 81 -5.87 3.91 -5.06
N GLY B 82 -5.28 4.97 -5.59
CA GLY B 82 -5.88 6.29 -5.55
C GLY B 82 -5.47 7.02 -4.30
N LYS B 83 -4.18 6.93 -3.94
CA LYS B 83 -3.68 7.53 -2.71
C LYS B 83 -2.24 8.00 -2.89
N LEU B 84 -1.95 9.19 -2.37
CA LEU B 84 -0.59 9.68 -2.16
C LEU B 84 -0.30 9.66 -0.67
N ILE B 85 0.91 9.29 -0.27
CA ILE B 85 1.25 9.21 1.14
C ILE B 85 2.54 9.96 1.39
N ILE B 86 2.57 10.78 2.44
CA ILE B 86 3.75 11.50 2.89
C ILE B 86 4.18 10.91 4.23
N TRP B 87 5.39 10.35 4.25
CA TRP B 87 6.02 9.63 5.35
C TRP B 87 7.12 10.46 6.00
N ASP B 88 7.31 10.19 7.29
CA ASP B 88 8.50 10.53 8.04
C ASP B 88 9.39 9.30 8.10
N SER B 89 10.61 9.40 7.60
CA SER B 89 11.43 8.21 7.41
C SER B 89 12.37 7.92 8.58
N TYR B 90 12.35 8.74 9.64
CA TYR B 90 13.15 8.43 10.82
C TYR B 90 12.40 7.56 11.80
N THR B 91 11.09 7.77 11.94
CA THR B 91 10.26 6.98 12.85
C THR B 91 9.19 6.18 12.13
N THR B 92 9.20 6.17 10.80
CA THR B 92 8.18 5.49 9.99
C THR B 92 6.77 5.95 10.37
N ASN B 93 6.61 7.25 10.56
CA ASN B 93 5.34 7.87 10.86
C ASN B 93 4.71 8.39 9.57
N LYS B 94 3.39 8.41 9.53
CA LYS B 94 2.65 8.95 8.39
C LYS B 94 2.25 10.37 8.70
N VAL B 95 2.75 11.32 7.91
CA VAL B 95 2.40 12.72 8.09
C VAL B 95 1.11 13.07 7.34
N HIS B 96 1.00 12.69 6.07
CA HIS B 96 -0.21 13.00 5.30
C HIS B 96 -0.64 11.82 4.44
N ALA B 97 -1.95 11.78 4.14
CA ALA B 97 -2.52 10.81 3.21
C ALA B 97 -3.58 11.51 2.37
N ILE B 98 -3.41 11.52 1.06
CA ILE B 98 -4.15 12.38 0.15
C ILE B 98 -4.90 11.50 -0.84
N PRO B 99 -6.22 11.67 -1.00
CA PRO B 99 -6.96 10.87 -1.99
C PRO B 99 -7.05 11.52 -3.37
N LEU B 100 -6.84 10.77 -4.43
CA LEU B 100 -6.84 11.28 -5.80
C LEU B 100 -8.22 11.14 -6.44
N ARG B 101 -8.40 11.82 -7.56
CA ARG B 101 -9.65 11.77 -8.32
C ARG B 101 -9.66 10.63 -9.33
N SER B 102 -8.53 10.36 -9.99
CA SER B 102 -8.40 9.24 -10.91
C SER B 102 -7.22 8.39 -10.46
N SER B 103 -7.42 7.08 -10.37
CA SER B 103 -6.46 6.20 -9.74
C SER B 103 -5.41 5.66 -10.69
N TRP B 104 -5.40 6.08 -11.96
CA TRP B 104 -4.43 5.57 -12.93
C TRP B 104 -3.18 6.46 -12.96
N VAL B 105 -2.54 6.58 -11.81
CA VAL B 105 -1.44 7.51 -11.60
C VAL B 105 -0.14 6.85 -12.04
N MET B 106 0.80 7.66 -12.54
CA MET B 106 2.07 7.12 -13.01
C MET B 106 3.29 7.93 -12.62
N THR B 107 3.15 9.03 -11.89
CA THR B 107 4.30 9.85 -11.51
C THR B 107 3.89 10.81 -10.40
N CYS B 108 4.91 11.33 -9.70
CA CYS B 108 4.72 12.28 -8.62
C CYS B 108 6.01 13.08 -8.42
N ALA B 109 5.88 14.24 -7.78
CA ALA B 109 7.01 15.13 -7.54
C ALA B 109 6.77 15.91 -6.26
N TYR B 110 7.86 16.43 -5.68
CA TYR B 110 7.83 17.08 -4.37
C TYR B 110 8.52 18.43 -4.52
N ALA B 111 7.87 19.49 -4.06
CA ALA B 111 8.36 20.84 -4.32
C ALA B 111 9.64 21.11 -3.54
N PRO B 112 10.61 21.82 -4.13
CA PRO B 112 11.88 22.05 -3.44
C PRO B 112 11.76 22.92 -2.20
N SER B 113 10.66 23.66 -2.03
CA SER B 113 10.43 24.44 -0.83
C SER B 113 9.62 23.71 0.23
N GLY B 114 8.96 22.61 -0.14
CA GLY B 114 8.17 21.84 0.78
C GLY B 114 6.73 22.27 0.92
N ASN B 115 6.22 23.10 0.01
CA ASN B 115 4.86 23.60 0.12
C ASN B 115 3.87 22.87 -0.79
N TYR B 116 4.33 22.23 -1.87
CA TYR B 116 3.46 21.69 -2.89
C TYR B 116 3.86 20.28 -3.27
N VAL B 117 2.89 19.53 -3.83
CA VAL B 117 3.16 18.26 -4.52
C VAL B 117 2.36 18.22 -5.82
N ALA B 118 2.78 17.35 -6.74
CA ALA B 118 2.13 17.22 -8.04
C ALA B 118 1.98 15.75 -8.42
N CYS B 119 0.99 15.45 -9.27
CA CYS B 119 0.83 14.08 -9.76
C CYS B 119 0.01 14.05 -11.06
N GLY B 120 0.28 13.02 -11.86
CA GLY B 120 -0.40 12.82 -13.15
C GLY B 120 -0.51 11.37 -13.55
N GLY B 121 -1.34 11.12 -14.58
CA GLY B 121 -1.59 9.77 -15.04
C GLY B 121 -2.23 9.60 -16.40
N LEU B 122 -3.18 8.65 -16.51
CA LEU B 122 -3.85 8.32 -17.77
C LEU B 122 -5.01 9.23 -18.11
N ASP B 123 -5.28 10.28 -17.33
CA ASP B 123 -6.37 11.19 -17.63
C ASP B 123 -5.90 12.49 -18.25
N ASN B 124 -4.61 12.58 -18.59
CA ASN B 124 -4.00 13.64 -19.40
C ASN B 124 -3.80 14.94 -18.64
N ILE B 125 -4.02 14.96 -17.32
CA ILE B 125 -4.08 16.18 -16.53
C ILE B 125 -3.07 16.09 -15.39
N CYS B 126 -2.35 17.19 -15.13
CA CYS B 126 -1.39 17.26 -14.02
C CYS B 126 -1.98 18.09 -12.90
N SER B 127 -2.16 17.49 -11.72
CA SER B 127 -2.75 18.18 -10.60
C SER B 127 -1.69 18.61 -9.60
N ILE B 128 -1.94 19.73 -8.94
CA ILE B 128 -1.00 20.37 -8.02
C ILE B 128 -1.71 20.71 -6.73
N TYR B 129 -1.13 20.26 -5.59
CA TYR B 129 -1.71 20.32 -4.25
C TYR B 129 -0.85 21.18 -3.33
N ASN B 130 -1.53 21.92 -2.45
CA ASN B 130 -0.94 22.83 -1.48
C ASN B 130 -1.02 22.23 -0.09
N LEU B 131 0.13 22.08 0.56
CA LEU B 131 0.21 21.35 1.82
C LEU B 131 0.01 22.20 3.06
N LYS B 132 0.23 23.50 2.98
CA LYS B 132 0.29 24.37 4.16
C LYS B 132 -0.79 25.45 4.07
N THR B 133 -1.97 25.16 4.62
CA THR B 133 -3.09 26.07 4.65
C THR B 133 -3.39 26.48 6.08
N ARG B 134 -4.37 27.38 6.24
CA ARG B 134 -4.87 27.76 7.55
C ARG B 134 -6.08 26.95 7.99
N GLU B 135 -6.50 25.97 7.20
CA GLU B 135 -7.62 25.10 7.54
C GLU B 135 -7.18 23.71 7.98
N GLY B 136 -5.92 23.36 7.81
CA GLY B 136 -5.39 22.12 8.28
C GLY B 136 -5.41 20.96 7.30
N ASN B 137 -6.21 21.05 6.24
CA ASN B 137 -6.34 19.97 5.26
C ASN B 137 -5.41 20.22 4.08
N VAL B 138 -5.56 19.42 3.04
CA VAL B 138 -4.77 19.53 1.82
C VAL B 138 -5.72 19.73 0.65
N ARG B 139 -5.46 20.75 -0.16
CA ARG B 139 -6.37 21.18 -1.21
C ARG B 139 -5.69 21.15 -2.57
N VAL B 140 -6.49 20.99 -3.61
CA VAL B 140 -5.99 21.02 -4.98
C VAL B 140 -5.88 22.49 -5.40
N SER B 141 -4.66 22.92 -5.72
CA SER B 141 -4.43 24.30 -6.11
C SER B 141 -4.50 24.51 -7.61
N ARG B 142 -4.15 23.51 -8.42
CA ARG B 142 -4.19 23.69 -9.86
C ARG B 142 -4.46 22.36 -10.56
N GLU B 143 -5.01 22.47 -11.77
CA GLU B 143 -5.10 21.38 -12.73
C GLU B 143 -4.64 21.90 -14.09
N LEU B 144 -3.62 21.27 -14.65
CA LEU B 144 -3.01 21.71 -15.90
C LEU B 144 -3.35 20.68 -16.98
N ALA B 145 -4.06 21.15 -18.01
CA ALA B 145 -4.58 20.29 -19.07
C ALA B 145 -4.23 20.89 -20.43
N GLY B 146 -4.13 20.02 -21.43
CA GLY B 146 -3.71 20.43 -22.76
C GLY B 146 -2.88 19.41 -23.51
N HIS B 147 -2.49 18.34 -22.84
CA HIS B 147 -1.87 17.22 -23.55
C HIS B 147 -2.94 16.33 -24.16
N THR B 148 -2.51 15.47 -25.10
CA THR B 148 -3.40 14.51 -25.74
C THR B 148 -2.93 13.08 -25.54
N GLY B 149 -2.05 12.85 -24.57
CA GLY B 149 -1.61 11.51 -24.22
C GLY B 149 -1.25 11.47 -22.74
N TYR B 150 -1.00 10.27 -22.25
CA TYR B 150 -0.75 10.11 -20.82
C TYR B 150 0.52 10.87 -20.42
N LEU B 151 0.64 11.12 -19.13
CA LEU B 151 1.76 11.88 -18.56
C LEU B 151 2.81 10.92 -18.02
N SER B 152 4.07 11.17 -18.36
CA SER B 152 5.16 10.29 -17.97
C SER B 152 6.00 10.83 -16.81
N CYS B 153 6.16 12.13 -16.68
CA CYS B 153 7.02 12.70 -15.65
C CYS B 153 6.61 14.15 -15.40
N CYS B 154 7.09 14.69 -14.28
CA CYS B 154 6.84 16.09 -13.92
C CYS B 154 7.83 16.49 -12.83
N ARG B 155 8.45 17.67 -12.97
CA ARG B 155 9.47 18.12 -12.05
C ARG B 155 9.36 19.63 -11.82
N PHE B 156 9.16 20.03 -10.57
CA PHE B 156 9.07 21.44 -10.22
C PHE B 156 10.37 22.17 -10.53
N LEU B 157 10.27 23.40 -11.03
CA LEU B 157 11.41 24.29 -11.14
C LEU B 157 11.50 25.21 -9.92
N ASP B 158 10.39 25.81 -9.55
CA ASP B 158 10.25 26.58 -8.32
C ASP B 158 8.78 26.60 -7.96
N ASP B 159 8.38 27.49 -7.05
CA ASP B 159 7.01 27.49 -6.57
C ASP B 159 5.99 27.84 -7.65
N ASN B 160 6.43 28.25 -8.84
CA ASN B 160 5.48 28.75 -9.83
C ASN B 160 5.73 28.26 -11.25
N GLN B 161 6.70 27.38 -11.49
CA GLN B 161 6.97 26.90 -12.84
C GLN B 161 7.17 25.41 -12.82
N ILE B 162 6.51 24.70 -13.73
CA ILE B 162 6.57 23.23 -13.75
C ILE B 162 6.82 22.74 -15.17
N VAL B 163 7.33 21.52 -15.29
CA VAL B 163 7.66 20.90 -16.58
C VAL B 163 6.95 19.56 -16.66
N THR B 164 6.47 19.21 -17.85
CA THR B 164 5.79 17.93 -18.03
C THR B 164 6.21 17.29 -19.34
N SER B 165 6.13 15.97 -19.39
CA SER B 165 6.36 15.17 -20.59
C SER B 165 5.21 14.20 -20.77
N SER B 166 4.79 14.00 -22.01
CA SER B 166 3.60 13.18 -22.27
C SER B 166 3.92 12.10 -23.28
N GLY B 167 2.91 11.25 -23.52
CA GLY B 167 3.02 10.18 -24.49
C GLY B 167 2.35 10.54 -25.80
N ASP B 168 2.41 11.82 -26.16
CA ASP B 168 2.03 12.27 -27.50
C ASP B 168 3.18 13.00 -28.18
N THR B 169 4.41 12.73 -27.78
CA THR B 169 5.66 13.18 -28.39
C THR B 169 6.01 14.64 -28.09
N THR B 170 5.45 15.25 -27.05
CA THR B 170 5.74 16.64 -26.74
C THR B 170 6.06 16.82 -25.25
N CYS B 171 6.84 17.86 -24.95
CA CYS B 171 7.07 18.31 -23.59
C CYS B 171 6.60 19.75 -23.45
N ALA B 172 6.25 20.14 -22.23
CA ALA B 172 5.68 21.47 -22.01
C ALA B 172 6.26 22.13 -20.77
N LEU B 173 6.36 23.45 -20.80
CA LEU B 173 6.70 24.25 -19.62
C LEU B 173 5.50 25.10 -19.26
N TRP B 174 5.02 24.96 -18.02
CA TRP B 174 3.81 25.61 -17.55
C TRP B 174 4.12 26.67 -16.50
N ASP B 175 3.35 27.74 -16.54
CA ASP B 175 3.38 28.81 -15.55
C ASP B 175 2.15 28.61 -14.66
N ILE B 176 2.38 28.14 -13.44
CA ILE B 176 1.29 27.58 -12.63
C ILE B 176 0.25 28.64 -12.31
N GLU B 177 0.68 29.86 -11.99
CA GLU B 177 -0.26 30.89 -11.55
C GLU B 177 -1.27 31.23 -12.64
N THR B 178 -0.81 31.39 -13.88
CA THR B 178 -1.72 31.68 -14.98
C THR B 178 -2.57 30.46 -15.32
N GLY B 179 -1.94 29.29 -15.45
CA GLY B 179 -2.62 28.08 -15.82
C GLY B 179 -2.43 27.67 -17.27
N GLN B 180 -1.67 28.43 -18.05
CA GLN B 180 -1.49 28.19 -19.47
C GLN B 180 -0.02 27.88 -19.76
N GLN B 181 0.20 27.12 -20.82
CA GLN B 181 1.56 26.80 -21.23
C GLN B 181 2.33 28.07 -21.58
N THR B 182 3.64 28.00 -21.43
CA THR B 182 4.52 29.08 -21.85
C THR B 182 5.35 28.72 -23.07
N THR B 183 5.99 27.56 -23.07
CA THR B 183 6.68 27.06 -24.24
C THR B 183 6.46 25.57 -24.38
N THR B 184 6.60 25.08 -25.61
CA THR B 184 6.37 23.69 -25.95
C THR B 184 7.56 23.17 -26.75
N PHE B 185 7.99 21.94 -26.44
CA PHE B 185 9.15 21.32 -27.04
C PHE B 185 8.70 20.12 -27.86
N THR B 186 9.07 20.10 -29.13
CA THR B 186 8.67 19.07 -30.08
C THR B 186 9.88 18.57 -30.85
N GLY B 187 9.77 17.35 -31.38
CA GLY B 187 10.87 16.78 -32.13
C GLY B 187 11.03 15.28 -31.99
N HIS B 188 10.32 14.66 -31.07
CA HIS B 188 10.35 13.21 -30.93
C HIS B 188 9.28 12.57 -31.80
N THR B 189 9.63 11.40 -32.36
CA THR B 189 8.73 10.61 -33.19
C THR B 189 8.12 9.45 -32.42
N GLY B 190 8.01 9.57 -31.11
CA GLY B 190 7.51 8.50 -30.27
C GLY B 190 7.33 8.99 -28.86
N ASP B 191 6.76 8.12 -28.03
CA ASP B 191 6.42 8.49 -26.67
C ASP B 191 7.65 8.91 -25.87
N VAL B 192 7.50 9.95 -25.05
CA VAL B 192 8.57 10.42 -24.18
C VAL B 192 8.36 9.80 -22.80
N MET B 193 9.43 9.24 -22.23
CA MET B 193 9.28 8.39 -21.05
C MET B 193 9.83 8.96 -19.76
N SER B 194 10.66 10.01 -19.80
CA SER B 194 11.28 10.53 -18.59
C SER B 194 11.89 11.90 -18.87
N LEU B 195 12.30 12.57 -17.80
CA LEU B 195 13.08 13.80 -17.88
C LEU B 195 13.80 14.03 -16.56
N SER B 196 14.84 14.86 -16.61
CA SER B 196 15.69 15.09 -15.45
C SER B 196 16.31 16.47 -15.51
N LEU B 197 15.99 17.31 -14.54
CA LEU B 197 16.48 18.69 -14.48
C LEU B 197 17.95 18.74 -14.13
N ALA B 198 18.55 19.90 -14.36
CA ALA B 198 19.94 20.16 -14.01
C ALA B 198 20.02 20.80 -12.63
N PRO B 199 21.20 20.77 -11.98
CA PRO B 199 21.34 21.46 -10.69
C PRO B 199 21.06 22.95 -10.77
N ASP B 200 21.44 23.62 -11.86
CA ASP B 200 21.18 25.05 -12.03
C ASP B 200 19.82 25.34 -12.63
N THR B 201 19.07 24.31 -13.03
CA THR B 201 17.71 24.45 -13.57
C THR B 201 17.66 25.44 -14.74
N ARG B 202 18.52 25.22 -15.73
CA ARG B 202 18.43 25.92 -17.01
C ARG B 202 18.36 25.00 -18.21
N LEU B 203 18.61 23.70 -18.03
CA LEU B 203 18.59 22.72 -19.10
C LEU B 203 17.89 21.47 -18.59
N PHE B 204 17.51 20.59 -19.51
CA PHE B 204 17.05 19.27 -19.09
C PHE B 204 17.19 18.29 -20.26
N VAL B 205 17.00 17.01 -19.96
CA VAL B 205 17.14 15.95 -20.96
C VAL B 205 15.91 15.07 -20.91
N SER B 206 15.61 14.42 -22.03
CA SER B 206 14.47 13.51 -22.08
C SER B 206 14.74 12.40 -23.07
N GLY B 207 14.32 11.18 -22.72
CA GLY B 207 14.48 10.03 -23.57
C GLY B 207 13.14 9.51 -24.04
N ALA B 208 13.10 8.97 -25.26
CA ALA B 208 11.84 8.62 -25.87
C ALA B 208 11.84 7.17 -26.33
N CYS B 209 10.64 6.69 -26.69
CA CYS B 209 10.46 5.33 -27.19
C CYS B 209 10.99 5.13 -28.60
N ASP B 210 11.57 6.14 -29.21
CA ASP B 210 12.27 5.97 -30.48
C ASP B 210 13.76 5.74 -30.28
N ALA B 211 14.17 5.35 -29.08
CA ALA B 211 15.55 5.02 -28.74
C ALA B 211 16.49 6.20 -29.02
N SER B 212 16.13 7.37 -28.50
CA SER B 212 16.97 8.54 -28.58
C SER B 212 16.65 9.49 -27.44
N ALA B 213 17.64 10.29 -27.08
CA ALA B 213 17.51 11.28 -26.02
C ALA B 213 17.87 12.65 -26.56
N LYS B 214 17.20 13.67 -26.05
CA LYS B 214 17.41 15.03 -26.51
C LYS B 214 17.63 15.96 -25.32
N LEU B 215 18.44 17.00 -25.57
CA LEU B 215 18.78 18.00 -24.56
C LEU B 215 18.10 19.32 -24.91
N TRP B 216 17.30 19.84 -23.98
CA TRP B 216 16.49 21.03 -24.20
C TRP B 216 16.96 22.18 -23.33
N ASP B 217 16.88 23.39 -23.88
CA ASP B 217 17.11 24.64 -23.16
C ASP B 217 15.76 25.24 -22.78
N VAL B 218 15.67 25.76 -21.56
CA VAL B 218 14.36 26.10 -21.01
C VAL B 218 13.90 27.47 -21.46
N ARG B 219 14.78 28.47 -21.38
CA ARG B 219 14.35 29.85 -21.60
C ARG B 219 13.90 30.10 -23.03
N GLU B 220 14.70 29.68 -24.01
CA GLU B 220 14.36 29.94 -25.40
C GLU B 220 13.39 28.91 -25.98
N GLY B 221 13.74 27.63 -25.92
CA GLY B 221 12.82 26.57 -26.29
C GLY B 221 13.20 25.71 -27.49
N MET B 222 14.48 25.50 -27.75
CA MET B 222 14.93 24.72 -28.89
C MET B 222 15.79 23.55 -28.44
N CYS B 223 15.71 22.45 -29.19
CA CYS B 223 16.57 21.30 -28.96
C CYS B 223 18.02 21.67 -29.24
N ARG B 224 18.94 21.05 -28.49
CA ARG B 224 20.36 21.33 -28.63
C ARG B 224 21.17 20.11 -29.03
N GLN B 225 20.92 18.95 -28.43
CA GLN B 225 21.75 17.78 -28.64
C GLN B 225 20.85 16.56 -28.74
N THR B 226 21.35 15.54 -29.46
CA THR B 226 20.68 14.25 -29.57
C THR B 226 21.68 13.13 -29.34
N PHE B 227 21.32 12.20 -28.46
CA PHE B 227 22.13 11.04 -28.08
C PHE B 227 21.42 9.78 -28.56
N THR B 228 22.13 8.97 -29.34
CA THR B 228 21.61 7.72 -29.89
C THR B 228 22.51 6.56 -29.50
N GLY B 229 22.01 5.35 -29.73
CA GLY B 229 22.81 4.17 -29.49
C GLY B 229 22.08 2.98 -28.89
N HIS B 230 21.00 3.23 -28.17
CA HIS B 230 20.27 2.12 -27.58
C HIS B 230 19.53 1.33 -28.66
N GLU B 231 19.20 0.08 -28.33
CA GLU B 231 18.51 -0.80 -29.27
C GLU B 231 17.00 -0.72 -29.13
N SER B 232 16.49 -0.56 -27.92
CA SER B 232 15.06 -0.40 -27.71
C SER B 232 14.77 0.91 -27.02
N ASP B 233 13.53 1.11 -26.61
CA ASP B 233 13.13 2.36 -25.96
C ASP B 233 13.95 2.62 -24.70
N ILE B 234 13.96 3.89 -24.29
CA ILE B 234 14.69 4.32 -23.10
C ILE B 234 13.71 4.51 -21.96
N ASN B 235 13.94 3.80 -20.85
CA ASN B 235 12.93 3.66 -19.82
C ASN B 235 13.16 4.51 -18.59
N ALA B 236 14.40 4.92 -18.32
CA ALA B 236 14.71 5.74 -17.17
C ALA B 236 15.97 6.53 -17.44
N ILE B 237 16.02 7.76 -16.94
CA ILE B 237 17.13 8.66 -17.18
C ILE B 237 17.43 9.42 -15.89
N CYS B 238 18.70 9.78 -15.72
CA CYS B 238 19.14 10.54 -14.55
C CYS B 238 20.36 11.35 -14.96
N PHE B 239 20.75 12.28 -14.10
CA PHE B 239 21.68 13.32 -14.50
C PHE B 239 22.79 13.40 -13.45
N PHE B 240 24.04 13.37 -13.90
CA PHE B 240 25.20 13.25 -13.01
C PHE B 240 25.35 14.50 -12.13
N PRO B 241 25.77 14.34 -10.87
CA PRO B 241 25.76 15.49 -9.94
C PRO B 241 26.60 16.68 -10.40
N ASN B 242 27.67 16.45 -11.13
CA ASN B 242 28.51 17.56 -11.60
C ASN B 242 27.70 18.51 -12.47
N GLY B 243 26.90 17.98 -13.38
CA GLY B 243 26.19 18.78 -14.35
C GLY B 243 26.68 18.65 -15.76
N ASN B 244 27.61 17.74 -16.03
CA ASN B 244 28.26 17.64 -17.34
C ASN B 244 28.04 16.29 -18.01
N ALA B 245 27.29 15.39 -17.38
CA ALA B 245 27.06 14.07 -17.96
C ALA B 245 25.73 13.53 -17.47
N PHE B 246 25.27 12.46 -18.10
CA PHE B 246 24.07 11.78 -17.64
C PHE B 246 24.11 10.32 -18.06
N ALA B 247 23.23 9.52 -17.47
CA ALA B 247 23.23 8.09 -17.69
C ALA B 247 21.81 7.60 -17.96
N THR B 248 21.69 6.72 -18.95
CA THR B 248 20.41 6.21 -19.40
C THR B 248 20.32 4.72 -19.15
N GLY B 249 19.07 4.23 -19.09
CA GLY B 249 18.82 2.81 -19.01
C GLY B 249 17.75 2.37 -19.99
N SER B 250 18.05 1.40 -20.85
CA SER B 250 17.08 1.00 -21.86
C SER B 250 16.53 -0.38 -21.58
N ASP B 251 15.66 -0.83 -22.45
CA ASP B 251 14.91 -2.08 -22.25
C ASP B 251 15.59 -3.25 -22.94
N ASP B 252 16.85 -3.05 -23.31
CA ASP B 252 17.66 -4.15 -23.83
C ASP B 252 18.70 -4.60 -22.81
N ALA B 253 18.44 -4.38 -21.53
CA ALA B 253 19.29 -4.83 -20.41
C ALA B 253 20.64 -4.12 -20.39
N THR B 254 20.69 -2.85 -20.80
CA THR B 254 21.92 -2.08 -20.72
C THR B 254 21.66 -0.70 -20.13
N CYS B 255 22.70 -0.16 -19.50
CA CYS B 255 22.77 1.26 -19.13
C CYS B 255 23.98 1.86 -19.83
N ARG B 256 23.94 3.17 -20.03
CA ARG B 256 25.02 3.85 -20.74
C ARG B 256 25.26 5.23 -20.14
N LEU B 257 26.47 5.75 -20.38
CA LEU B 257 26.87 7.07 -19.89
C LEU B 257 27.21 7.96 -21.09
N PHE B 258 26.55 9.13 -21.16
CA PHE B 258 26.74 10.09 -22.24
C PHE B 258 27.19 11.43 -21.67
N ASP B 259 28.21 12.02 -22.29
CA ASP B 259 28.76 13.29 -21.88
C ASP B 259 28.23 14.41 -22.77
N LEU B 260 27.77 15.50 -22.14
CA LEU B 260 27.19 16.61 -22.89
C LEU B 260 28.21 17.30 -23.78
N ARG B 261 29.45 17.44 -23.32
CA ARG B 261 30.45 18.23 -24.04
C ARG B 261 31.20 17.42 -25.09
N ALA B 262 31.73 16.25 -24.71
CA ALA B 262 32.45 15.41 -25.66
C ALA B 262 31.56 14.87 -26.78
N ASP B 263 30.24 14.90 -26.59
CA ASP B 263 29.28 14.61 -27.65
C ASP B 263 29.49 13.22 -28.25
N GLN B 264 29.67 12.23 -27.38
CA GLN B 264 29.62 10.82 -27.76
C GLN B 264 29.61 10.00 -26.47
N GLU B 265 29.56 8.68 -26.62
CA GLU B 265 29.39 7.79 -25.49
C GLU B 265 30.72 7.56 -24.77
N LEU B 266 30.62 7.12 -23.51
CA LEU B 266 31.80 6.86 -22.68
C LEU B 266 31.88 5.42 -22.19
N MET B 267 30.78 4.83 -21.73
CA MET B 267 30.87 3.54 -21.07
C MET B 267 29.49 2.91 -20.93
N THR B 268 29.47 1.57 -20.98
CA THR B 268 28.25 0.78 -20.94
C THR B 268 28.28 -0.17 -19.75
N TYR B 269 27.14 -0.31 -19.08
CA TYR B 269 26.97 -1.19 -17.94
C TYR B 269 26.02 -2.31 -18.32
N SER B 270 26.55 -3.53 -18.39
CA SER B 270 25.82 -4.71 -18.82
C SER B 270 26.51 -5.95 -18.28
N HIS B 271 25.77 -7.06 -18.25
CA HIS B 271 26.32 -8.33 -17.81
C HIS B 271 25.57 -9.46 -18.48
N ASP B 272 26.25 -10.60 -18.65
CA ASP B 272 25.73 -11.69 -19.47
C ASP B 272 24.62 -12.48 -18.78
N ASN B 273 24.53 -12.41 -17.46
CA ASN B 273 23.52 -13.15 -16.71
C ASN B 273 22.21 -12.35 -16.62
N ILE B 274 22.19 -11.14 -17.16
CA ILE B 274 21.04 -10.25 -17.03
C ILE B 274 20.34 -10.20 -18.38
N ILE B 275 19.04 -10.52 -18.38
CA ILE B 275 18.29 -10.63 -19.63
C ILE B 275 16.98 -9.84 -19.56
N CYS B 276 16.86 -8.98 -18.56
CA CYS B 276 15.66 -8.16 -18.40
C CYS B 276 16.02 -6.68 -18.44
N GLY B 277 14.99 -5.84 -18.60
CA GLY B 277 15.21 -4.43 -18.75
C GLY B 277 15.40 -3.70 -17.44
N ILE B 278 15.62 -2.40 -17.53
CA ILE B 278 15.86 -1.53 -16.39
C ILE B 278 14.70 -0.56 -16.27
N THR B 279 14.26 -0.32 -15.04
CA THR B 279 13.12 0.55 -14.80
C THR B 279 13.46 1.81 -14.01
N SER B 280 14.71 1.98 -13.55
CA SER B 280 15.08 3.14 -12.76
C SER B 280 16.60 3.18 -12.59
N VAL B 281 17.19 4.37 -12.67
CA VAL B 281 18.60 4.56 -12.37
C VAL B 281 18.74 5.75 -11.43
N SER B 282 19.86 5.79 -10.71
CA SER B 282 20.16 6.91 -9.82
C SER B 282 21.64 6.87 -9.44
N PHE B 283 22.12 7.98 -8.90
CA PHE B 283 23.54 8.18 -8.59
C PHE B 283 23.74 8.37 -7.10
N SER B 284 25.01 8.40 -6.69
CA SER B 284 25.40 8.71 -5.32
C SER B 284 26.14 10.04 -5.29
N LYS B 285 26.28 10.59 -4.07
CA LYS B 285 26.69 11.98 -3.93
C LYS B 285 28.07 12.24 -4.51
N SER B 286 29.02 11.33 -4.27
CA SER B 286 30.35 11.51 -4.82
C SER B 286 30.45 11.08 -6.29
N GLY B 287 29.42 10.43 -6.82
CA GLY B 287 29.48 9.92 -8.17
C GLY B 287 30.27 8.63 -8.32
N ARG B 288 30.37 7.81 -7.27
CA ARG B 288 31.07 6.56 -7.33
C ARG B 288 30.17 5.34 -7.20
N LEU B 289 28.85 5.53 -7.28
CA LEU B 289 27.92 4.42 -7.33
C LEU B 289 26.78 4.77 -8.27
N LEU B 290 26.39 3.81 -9.10
CA LEU B 290 25.21 3.93 -9.94
C LEU B 290 24.27 2.80 -9.55
N LEU B 291 23.13 3.17 -8.99
CA LEU B 291 22.15 2.18 -8.59
C LEU B 291 21.12 2.02 -9.71
N ALA B 292 20.68 0.79 -9.93
CA ALA B 292 19.76 0.49 -11.01
C ALA B 292 18.76 -0.54 -10.55
N GLY B 293 17.47 -0.25 -10.70
CA GLY B 293 16.45 -1.25 -10.51
C GLY B 293 16.35 -2.17 -11.70
N TYR B 294 15.65 -3.29 -11.54
CA TYR B 294 15.60 -4.29 -12.59
C TYR B 294 14.27 -5.03 -12.56
N ASP B 295 13.99 -5.73 -13.66
CA ASP B 295 12.87 -6.63 -13.77
C ASP B 295 13.11 -7.97 -13.09
N ASP B 296 14.38 -8.31 -12.80
CA ASP B 296 14.75 -9.54 -12.12
C ASP B 296 14.36 -9.58 -10.66
N PHE B 297 13.55 -8.63 -10.20
CA PHE B 297 13.03 -8.45 -8.84
C PHE B 297 14.02 -7.79 -7.89
N ASN B 298 15.22 -7.43 -8.32
CA ASN B 298 16.22 -6.95 -7.37
C ASN B 298 17.05 -5.81 -7.94
N CYS B 299 17.35 -4.83 -7.08
CA CYS B 299 18.19 -3.71 -7.46
C CYS B 299 19.62 -4.19 -7.67
N ASN B 300 20.49 -3.26 -8.04
CA ASN B 300 21.86 -3.64 -8.36
C ASN B 300 22.75 -2.40 -8.35
N VAL B 301 23.94 -2.54 -7.78
CA VAL B 301 24.85 -1.43 -7.57
C VAL B 301 26.06 -1.60 -8.48
N TRP B 302 26.41 -0.55 -9.21
CA TRP B 302 27.52 -0.58 -10.15
C TRP B 302 28.56 0.46 -9.78
N ASP B 303 29.83 0.12 -10.01
CA ASP B 303 30.93 1.06 -9.84
C ASP B 303 31.03 1.90 -11.10
N ALA B 304 30.70 3.19 -11.00
CA ALA B 304 30.55 4.03 -12.18
C ALA B 304 31.84 4.21 -12.97
N LEU B 305 32.99 4.10 -12.33
CA LEU B 305 34.27 4.31 -13.00
C LEU B 305 34.96 3.02 -13.40
N LYS B 306 34.33 1.87 -13.17
CA LYS B 306 34.86 0.58 -13.61
C LYS B 306 33.86 -0.26 -14.40
N ALA B 307 32.56 0.02 -14.29
CA ALA B 307 31.53 -0.72 -15.00
C ALA B 307 31.56 -2.21 -14.68
N ASP B 308 31.65 -2.52 -13.38
CA ASP B 308 31.57 -3.91 -12.94
C ASP B 308 31.20 -3.97 -11.45
N ARG B 309 30.10 -4.65 -11.17
CA ARG B 309 29.70 -5.14 -9.86
C ARG B 309 28.35 -5.82 -10.03
N ALA B 310 27.99 -6.66 -9.06
CA ALA B 310 26.63 -7.19 -8.94
C ALA B 310 26.22 -7.21 -7.46
N GLY B 311 26.48 -6.12 -6.74
CA GLY B 311 26.24 -6.06 -5.31
C GLY B 311 24.78 -5.88 -4.96
N VAL B 312 24.00 -6.93 -5.18
CA VAL B 312 22.54 -6.83 -5.18
C VAL B 312 22.02 -6.36 -3.81
N LEU B 313 20.99 -5.51 -3.85
CA LEU B 313 20.15 -5.27 -2.68
C LEU B 313 18.86 -6.08 -2.83
N ALA B 314 18.98 -7.39 -2.60
CA ALA B 314 17.85 -8.28 -2.75
C ALA B 314 16.91 -8.18 -1.55
N GLY B 315 15.67 -8.63 -1.75
CA GLY B 315 14.69 -8.52 -0.70
C GLY B 315 13.31 -8.11 -1.15
N HIS B 316 13.09 -7.99 -2.45
CA HIS B 316 11.77 -7.68 -2.98
C HIS B 316 11.19 -8.89 -3.69
N ASP B 317 9.86 -8.97 -3.73
CA ASP B 317 9.15 -10.11 -4.30
C ASP B 317 8.39 -9.78 -5.58
N ASN B 318 8.70 -8.67 -6.24
CA ASN B 318 8.18 -8.35 -7.56
C ASN B 318 9.17 -7.38 -8.19
N ARG B 319 8.81 -6.79 -9.33
CA ARG B 319 9.79 -5.96 -10.03
C ARG B 319 9.95 -4.60 -9.35
N VAL B 320 11.17 -4.11 -9.32
CA VAL B 320 11.52 -2.87 -8.65
C VAL B 320 11.13 -1.71 -9.55
N SER B 321 10.11 -0.95 -9.16
CA SER B 321 9.60 0.13 -10.00
C SER B 321 10.26 1.47 -9.76
N CYS B 322 10.72 1.77 -8.54
CA CYS B 322 11.25 3.10 -8.27
C CYS B 322 12.33 3.04 -7.21
N LEU B 323 13.27 3.99 -7.25
CA LEU B 323 14.29 4.11 -6.23
C LEU B 323 14.83 5.54 -6.19
N GLY B 324 15.48 5.88 -5.07
CA GLY B 324 16.00 7.22 -4.87
C GLY B 324 17.03 7.39 -3.75
N VAL B 325 17.90 8.37 -3.88
CA VAL B 325 19.02 8.61 -2.96
C VAL B 325 18.91 10.02 -2.41
N THR B 326 19.17 10.18 -1.12
CA THR B 326 18.89 11.45 -0.44
C THR B 326 19.84 12.54 -0.92
N ASP B 327 19.67 13.72 -0.32
CA ASP B 327 20.39 14.92 -0.72
C ASP B 327 21.71 15.09 0.02
N ASP B 328 21.94 14.30 1.07
CA ASP B 328 23.21 14.29 1.76
C ASP B 328 23.97 12.98 1.61
N GLY B 329 23.28 11.88 1.32
CA GLY B 329 23.92 10.63 1.04
C GLY B 329 23.72 9.53 2.06
N MET B 330 22.79 9.71 3.00
CA MET B 330 22.69 8.85 4.17
C MET B 330 21.85 7.60 3.96
N ALA B 331 21.09 7.49 2.88
CA ALA B 331 20.15 6.39 2.75
C ALA B 331 19.80 6.17 1.29
N VAL B 332 19.18 5.03 1.01
CA VAL B 332 18.64 4.72 -0.31
C VAL B 332 17.26 4.11 -0.11
N ALA B 333 16.27 4.58 -0.84
CA ALA B 333 14.93 4.03 -0.73
C ALA B 333 14.56 3.33 -2.03
N THR B 334 13.88 2.20 -1.92
CA THR B 334 13.37 1.48 -3.07
C THR B 334 11.91 1.11 -2.86
N GLY B 335 11.16 1.07 -3.95
CA GLY B 335 9.79 0.60 -3.92
C GLY B 335 9.50 -0.24 -5.14
N SER B 336 8.62 -1.22 -4.96
CA SER B 336 8.39 -2.22 -5.99
C SER B 336 6.93 -2.64 -6.01
N TRP B 337 6.62 -3.53 -6.94
CA TRP B 337 5.26 -3.92 -7.26
C TRP B 337 4.62 -4.80 -6.20
N ASP B 338 5.30 -5.09 -5.10
CA ASP B 338 4.73 -5.88 -4.02
C ASP B 338 4.25 -5.03 -2.85
N SER B 339 4.19 -3.71 -3.03
CA SER B 339 3.55 -2.77 -2.11
C SER B 339 4.34 -2.44 -0.86
N PHE B 340 5.65 -2.68 -0.84
CA PHE B 340 6.47 -2.34 0.31
C PHE B 340 7.64 -1.48 -0.13
N LEU B 341 7.95 -0.48 0.68
CA LEU B 341 9.01 0.48 0.38
C LEU B 341 10.03 0.41 1.50
N LYS B 342 11.31 0.32 1.14
CA LYS B 342 12.35 -0.06 2.08
C LYS B 342 13.51 0.92 2.03
N ILE B 343 14.14 1.14 3.19
CA ILE B 343 15.22 2.09 3.36
C ILE B 343 16.48 1.33 3.72
N TRP B 344 17.57 1.60 3.01
CA TRP B 344 18.83 0.89 3.12
C TRP B 344 19.91 1.87 3.52
N ASN B 345 20.86 1.40 4.32
CA ASN B 345 21.94 2.24 4.77
C ASN B 345 23.21 1.43 5.04
N ALA C 10 8.59 20.53 -45.82
CA ALA C 10 8.70 21.27 -44.58
C ALA C 10 9.42 20.46 -43.51
N GLN C 11 9.13 19.16 -43.43
CA GLN C 11 9.84 18.29 -42.49
C GLN C 11 11.32 18.21 -42.84
N ALA C 12 11.63 18.14 -44.14
CA ALA C 12 13.02 18.13 -44.56
C ALA C 12 13.71 19.44 -44.20
N ARG C 13 13.00 20.57 -44.31
CA ARG C 13 13.55 21.86 -43.93
C ARG C 13 13.80 21.93 -42.42
N LYS C 14 12.87 21.38 -41.63
CA LYS C 14 13.09 21.28 -40.19
C LYS C 14 14.34 20.47 -39.88
N LEU C 15 14.50 19.34 -40.58
CA LEU C 15 15.69 18.51 -40.38
C LEU C 15 16.96 19.26 -40.79
N VAL C 16 16.88 20.02 -41.89
CA VAL C 16 18.03 20.80 -42.33
C VAL C 16 18.43 21.83 -41.27
N GLU C 17 17.45 22.56 -40.76
CA GLU C 17 17.74 23.58 -39.75
C GLU C 17 18.30 22.96 -38.47
N GLN C 18 17.71 21.84 -38.04
CA GLN C 18 18.19 21.20 -36.82
C GLN C 18 19.59 20.63 -37.00
N LEU C 19 19.88 20.05 -38.16
CA LEU C 19 21.22 19.55 -38.43
C LEU C 19 22.22 20.70 -38.55
N LYS C 20 21.78 21.86 -39.05
CA LYS C 20 22.64 23.04 -39.04
C LYS C 20 22.96 23.46 -37.61
N MET C 21 21.96 23.47 -36.74
CA MET C 21 22.19 23.90 -35.36
C MET C 21 23.03 22.89 -34.58
N GLU C 22 22.90 21.59 -34.91
CA GLU C 22 23.71 20.58 -34.24
C GLU C 22 25.06 20.35 -34.91
N ALA C 23 25.28 20.92 -36.10
CA ALA C 23 26.57 20.74 -36.77
C ALA C 23 27.65 21.62 -36.16
N ASN C 24 27.30 22.84 -35.76
CA ASN C 24 28.26 23.80 -35.22
C ASN C 24 28.32 23.65 -33.71
N ILE C 25 29.20 22.75 -33.26
CA ILE C 25 29.34 22.42 -31.85
C ILE C 25 30.79 22.62 -31.44
N ASP C 26 31.00 23.35 -30.36
CA ASP C 26 32.31 23.39 -29.72
C ASP C 26 32.55 22.07 -29.00
N ARG C 27 33.73 21.48 -29.22
CA ARG C 27 33.98 20.11 -28.79
C ARG C 27 35.25 20.03 -27.96
N ILE C 28 35.31 18.99 -27.13
CA ILE C 28 36.47 18.69 -26.29
C ILE C 28 36.79 17.20 -26.44
N LYS C 29 38.01 16.85 -26.01
CA LYS C 29 38.44 15.46 -26.09
C LYS C 29 37.71 14.58 -25.08
N VAL C 30 37.69 13.28 -25.36
CA VAL C 30 37.07 12.33 -24.45
C VAL C 30 37.88 12.19 -23.18
N SER C 31 39.21 12.20 -23.30
CA SER C 31 40.07 12.12 -22.14
C SER C 31 39.84 13.27 -21.18
N LYS C 32 39.47 14.44 -21.69
CA LYS C 32 39.12 15.56 -20.83
C LYS C 32 37.91 15.22 -19.95
N ALA C 33 36.88 14.61 -20.54
CA ALA C 33 35.70 14.23 -19.77
C ALA C 33 36.05 13.17 -18.75
N ALA C 34 36.87 12.18 -19.12
CA ALA C 34 37.28 11.17 -18.16
C ALA C 34 38.05 11.77 -17.01
N ALA C 35 38.98 12.69 -17.32
CA ALA C 35 39.76 13.35 -16.28
C ALA C 35 38.88 14.17 -15.35
N ASP C 36 37.90 14.88 -15.90
CA ASP C 36 37.03 15.69 -15.04
C ASP C 36 36.15 14.80 -14.16
N LEU C 37 35.67 13.67 -14.69
CA LEU C 37 34.89 12.76 -13.87
C LEU C 37 35.72 12.19 -12.73
N MET C 38 36.97 11.79 -13.02
CA MET C 38 37.84 11.27 -11.97
C MET C 38 38.16 12.35 -10.94
N ALA C 39 38.40 13.58 -11.39
CA ALA C 39 38.72 14.66 -10.46
C ALA C 39 37.54 14.95 -9.53
N TYR C 40 36.32 15.00 -10.07
CA TYR C 40 35.17 15.24 -9.22
C TYR C 40 34.96 14.09 -8.24
N CYS C 41 35.20 12.86 -8.69
CA CYS C 41 35.01 11.72 -7.79
C CYS C 41 36.05 11.71 -6.67
N GLU C 42 37.28 12.16 -6.97
CA GLU C 42 38.31 12.19 -5.95
C GLU C 42 38.11 13.33 -4.96
N ALA C 43 37.74 14.52 -5.44
CA ALA C 43 37.71 15.68 -4.58
C ALA C 43 36.66 15.56 -3.48
N HIS C 44 35.48 15.04 -3.80
CA HIS C 44 34.36 14.96 -2.87
C HIS C 44 34.17 13.58 -2.29
N ALA C 45 35.19 12.71 -2.39
CA ALA C 45 35.02 11.31 -2.01
C ALA C 45 34.76 11.14 -0.51
N LYS C 46 35.38 11.99 0.31
CA LYS C 46 35.36 11.79 1.75
C LYS C 46 34.00 12.09 2.39
N GLU C 47 33.06 12.65 1.64
CA GLU C 47 31.77 13.05 2.20
C GLU C 47 30.62 12.19 1.71
N ASP C 48 30.91 10.95 1.29
CA ASP C 48 29.88 10.05 0.80
C ASP C 48 29.54 9.03 1.87
N PRO C 49 28.36 9.09 2.47
CA PRO C 49 28.04 8.14 3.56
C PRO C 49 27.72 6.74 3.09
N LEU C 50 28.01 6.40 1.83
CA LEU C 50 27.79 5.04 1.34
C LEU C 50 29.06 4.39 0.82
N LEU C 51 30.10 5.15 0.51
CA LEU C 51 31.41 4.57 0.23
C LEU C 51 32.20 4.31 1.49
N THR C 52 32.17 5.23 2.45
CA THR C 52 32.86 5.11 3.73
C THR C 52 31.82 5.35 4.81
N PRO C 53 31.19 4.28 5.31
CA PRO C 53 30.08 4.44 6.26
C PRO C 53 30.49 5.19 7.52
N VAL C 54 29.59 6.03 7.99
CA VAL C 54 29.81 6.90 9.15
C VAL C 54 29.71 6.04 10.41
N PRO C 55 30.41 6.39 11.50
CA PRO C 55 30.23 5.65 12.76
C PRO C 55 28.80 5.78 13.27
N ALA C 56 28.35 4.73 13.97
CA ALA C 56 26.95 4.61 14.35
C ALA C 56 26.48 5.69 15.31
N SER C 57 27.41 6.42 15.94
CA SER C 57 26.99 7.50 16.83
C SER C 57 26.42 8.68 16.07
N GLU C 58 26.77 8.83 14.78
CA GLU C 58 26.24 9.88 13.93
C GLU C 58 25.14 9.40 13.00
N ASN C 59 25.00 8.10 12.83
CA ASN C 59 24.01 7.53 11.92
C ASN C 59 22.60 7.80 12.43
N PRO C 60 21.75 8.49 11.67
CA PRO C 60 20.38 8.73 12.14
C PRO C 60 19.45 7.57 11.95
N PHE C 61 19.86 6.54 11.20
CA PHE C 61 19.05 5.34 10.96
C PHE C 61 19.57 4.15 11.77
N ARG C 62 20.02 4.41 12.99
CA ARG C 62 20.56 3.38 13.88
C ARG C 62 21.76 2.67 13.27
N VAL D 1 -11.01 31.48 9.75
CA VAL D 1 -10.81 30.66 10.93
C VAL D 1 -11.41 31.39 12.11
N GLN D 2 -12.17 30.68 12.95
CA GLN D 2 -12.80 31.34 14.08
C GLN D 2 -13.19 30.31 15.13
N LEU D 3 -12.93 30.64 16.40
CA LEU D 3 -13.45 29.90 17.54
C LEU D 3 -14.17 30.88 18.45
N VAL D 4 -15.44 30.61 18.74
CA VAL D 4 -16.23 31.47 19.61
C VAL D 4 -16.80 30.62 20.73
N GLU D 5 -16.43 30.90 21.97
CA GLU D 5 -16.96 30.16 23.09
C GLU D 5 -17.86 31.05 23.94
N SER D 6 -18.71 30.37 24.71
CA SER D 6 -19.67 31.04 25.59
C SER D 6 -20.01 30.10 26.73
N GLY D 7 -20.77 30.63 27.69
CA GLY D 7 -21.18 29.89 28.87
C GLY D 7 -20.75 30.49 30.19
N GLY D 8 -19.94 31.54 30.20
CA GLY D 8 -19.46 32.12 31.44
C GLY D 8 -20.53 32.94 32.15
N GLY D 9 -20.19 33.35 33.36
CA GLY D 9 -21.12 34.11 34.17
C GLY D 9 -20.76 33.99 35.64
N LEU D 10 -21.74 34.31 36.48
CA LEU D 10 -21.57 34.39 37.93
C LEU D 10 -22.30 33.23 38.59
N VAL D 11 -21.64 32.59 39.56
CA VAL D 11 -22.18 31.42 40.22
C VAL D 11 -21.92 31.50 41.72
N GLN D 12 -22.76 30.82 42.48
CA GLN D 12 -22.64 30.73 43.93
C GLN D 12 -21.74 29.58 44.32
N PRO D 13 -21.41 29.43 45.60
CA PRO D 13 -20.67 28.23 46.04
C PRO D 13 -21.47 26.96 45.77
N GLY D 14 -20.74 25.89 45.50
CA GLY D 14 -21.37 24.65 45.09
C GLY D 14 -21.68 24.65 43.60
N GLY D 15 -22.84 24.10 43.26
CA GLY D 15 -23.34 24.20 41.91
C GLY D 15 -22.46 23.49 40.89
N SER D 16 -22.71 23.84 39.62
CA SER D 16 -21.97 23.29 38.50
C SER D 16 -22.13 24.24 37.33
N ARG D 17 -21.36 24.00 36.27
CA ARG D 17 -21.42 24.84 35.09
C ARG D 17 -20.90 24.07 33.88
N LYS D 18 -21.25 24.58 32.70
CA LYS D 18 -20.83 23.97 31.44
C LYS D 18 -20.54 25.08 30.44
N LEU D 19 -19.33 25.07 29.88
CA LEU D 19 -18.93 26.05 28.89
C LEU D 19 -18.73 25.36 27.55
N SER D 20 -19.10 26.04 26.46
CA SER D 20 -19.06 25.45 25.13
C SER D 20 -18.29 26.37 24.18
N CYS D 21 -17.74 25.76 23.14
CA CYS D 21 -16.94 26.47 22.15
C CYS D 21 -17.29 25.96 20.77
N SER D 22 -17.62 26.89 19.87
CA SER D 22 -18.00 26.58 18.50
C SER D 22 -16.87 26.95 17.54
N ALA D 23 -16.51 26.01 16.68
CA ALA D 23 -15.48 26.24 15.69
C ALA D 23 -16.11 26.47 14.32
N SER D 24 -15.48 27.33 13.52
CA SER D 24 -15.99 27.65 12.21
C SER D 24 -14.84 28.00 11.29
N GLY D 25 -14.83 27.41 10.11
CA GLY D 25 -13.88 27.77 9.09
C GLY D 25 -12.64 26.90 9.00
N PHE D 26 -12.60 25.77 9.69
CA PHE D 26 -11.46 24.86 9.57
C PHE D 26 -11.91 23.46 9.95
N ALA D 27 -10.99 22.50 9.80
CA ALA D 27 -11.27 21.08 9.98
C ALA D 27 -11.14 20.69 11.46
N PHE D 28 -12.14 21.11 12.23
CA PHE D 28 -12.14 20.94 13.68
C PHE D 28 -11.91 19.50 14.13
N SER D 29 -12.09 18.54 13.25
CA SER D 29 -11.99 17.14 13.64
C SER D 29 -10.57 16.60 13.57
N SER D 30 -9.60 17.42 13.20
CA SER D 30 -8.20 16.98 13.14
C SER D 30 -7.31 17.72 14.12
N PHE D 31 -7.87 18.51 15.03
CA PHE D 31 -7.12 19.36 15.93
C PHE D 31 -7.33 18.91 17.38
N GLY D 32 -6.24 18.89 18.15
CA GLY D 32 -6.36 18.76 19.59
C GLY D 32 -6.68 20.08 20.25
N MET D 33 -7.40 20.01 21.38
CA MET D 33 -7.97 21.20 22.00
C MET D 33 -7.55 21.31 23.46
N HIS D 34 -7.20 22.52 23.87
CA HIS D 34 -6.85 22.83 25.24
C HIS D 34 -7.82 23.85 25.82
N TRP D 35 -8.04 23.78 27.13
CA TRP D 35 -8.63 24.88 27.89
C TRP D 35 -7.55 25.47 28.80
N VAL D 36 -7.42 26.80 28.77
CA VAL D 36 -6.41 27.55 29.53
C VAL D 36 -7.13 28.62 30.35
N ARG D 37 -6.52 29.03 31.45
CA ARG D 37 -7.15 29.89 32.46
C ARG D 37 -6.26 31.08 32.79
N GLN D 38 -6.89 32.20 33.16
CA GLN D 38 -6.14 33.38 33.56
C GLN D 38 -6.84 34.05 34.73
N ALA D 39 -6.13 34.23 35.85
CA ALA D 39 -6.72 34.85 37.01
C ALA D 39 -6.95 36.34 36.77
N PRO D 40 -7.90 36.95 37.48
CA PRO D 40 -8.17 38.38 37.26
C PRO D 40 -7.03 39.29 37.67
N GLU D 41 -6.03 38.79 38.40
CA GLU D 41 -4.93 39.62 38.84
C GLU D 41 -3.56 38.95 38.69
N LYS D 42 -3.46 37.85 37.95
CA LYS D 42 -2.23 37.07 37.89
C LYS D 42 -1.98 36.64 36.45
N GLY D 43 -1.04 35.72 36.27
CA GLY D 43 -0.70 35.21 34.97
C GLY D 43 -1.66 34.13 34.53
N LEU D 44 -1.20 33.32 33.58
CA LEU D 44 -2.02 32.26 33.01
C LEU D 44 -1.78 30.94 33.75
N GLU D 45 -2.68 29.98 33.52
CA GLU D 45 -2.56 28.67 34.14
C GLU D 45 -3.32 27.64 33.31
N TRP D 46 -2.61 26.60 32.86
CA TRP D 46 -3.19 25.57 32.01
C TRP D 46 -4.24 24.77 32.76
N VAL D 47 -5.23 24.26 32.02
CA VAL D 47 -6.34 23.55 32.66
C VAL D 47 -6.53 22.14 32.13
N ALA D 48 -6.71 21.95 30.83
CA ALA D 48 -7.06 20.60 30.39
C ALA D 48 -6.77 20.39 28.92
N TYR D 49 -6.65 19.12 28.53
CA TYR D 49 -6.28 18.75 27.16
C TYR D 49 -7.05 17.52 26.68
N ILE D 50 -7.66 17.61 25.48
CA ILE D 50 -8.30 16.48 24.83
C ILE D 50 -7.82 16.39 23.38
N SER D 51 -7.46 15.19 22.94
CA SER D 51 -6.76 15.00 21.68
C SER D 51 -7.74 14.64 20.56
N SER D 52 -7.17 14.53 19.36
CA SER D 52 -7.94 14.28 18.14
C SER D 52 -8.22 12.79 18.01
N GLY D 53 -9.48 12.42 18.17
CA GLY D 53 -9.86 11.03 18.33
C GLY D 53 -10.38 10.70 19.70
N SER D 54 -10.26 11.62 20.66
CA SER D 54 -10.81 11.48 22.00
C SER D 54 -10.32 10.19 22.68
N GLY D 55 -9.06 9.86 22.45
CA GLY D 55 -8.46 8.71 23.10
C GLY D 55 -7.52 9.07 24.23
N THR D 56 -7.31 10.36 24.45
CA THR D 56 -6.39 10.85 25.47
C THR D 56 -6.98 12.06 26.16
N ILE D 57 -6.96 12.07 27.49
CA ILE D 57 -7.43 13.21 28.27
C ILE D 57 -6.43 13.48 29.38
N TYR D 58 -6.08 14.75 29.56
CA TYR D 58 -5.19 15.15 30.65
C TYR D 58 -5.82 16.30 31.41
N TYR D 59 -5.66 16.29 32.73
CA TYR D 59 -6.14 17.33 33.63
C TYR D 59 -4.97 17.92 34.41
N ALA D 60 -5.26 19.02 35.11
CA ALA D 60 -4.33 19.59 36.07
C ALA D 60 -4.63 19.03 37.45
N ASP D 61 -3.61 19.04 38.31
CA ASP D 61 -3.75 18.37 39.59
C ASP D 61 -4.64 19.13 40.56
N THR D 62 -4.89 20.41 40.33
CA THR D 62 -5.79 21.19 41.17
C THR D 62 -7.24 21.10 40.73
N VAL D 63 -7.54 20.35 39.67
CA VAL D 63 -8.90 20.25 39.16
C VAL D 63 -9.35 18.82 38.92
N LYS D 64 -8.45 17.84 38.91
CA LYS D 64 -8.81 16.49 38.49
C LYS D 64 -9.91 15.92 39.37
N GLY D 65 -10.87 15.24 38.73
CA GLY D 65 -12.01 14.69 39.42
C GLY D 65 -13.18 15.63 39.56
N ARG D 66 -12.97 16.93 39.34
CA ARG D 66 -14.05 17.91 39.38
C ARG D 66 -14.39 18.47 38.01
N PHE D 67 -13.52 18.32 37.01
CA PHE D 67 -13.71 18.88 35.70
C PHE D 67 -13.79 17.75 34.68
N THR D 68 -14.56 17.96 33.62
CA THR D 68 -14.64 16.97 32.56
C THR D 68 -14.66 17.67 31.20
N ILE D 69 -13.94 17.12 30.23
CA ILE D 69 -13.80 17.72 28.91
C ILE D 69 -14.38 16.76 27.89
N SER D 70 -15.07 17.31 26.88
CA SER D 70 -15.66 16.48 25.84
C SER D 70 -15.71 17.25 24.53
N ARG D 71 -15.81 16.50 23.43
CA ARG D 71 -15.96 17.10 22.11
C ARG D 71 -17.15 16.46 21.39
N ASP D 72 -17.63 17.17 20.36
CA ASP D 72 -18.72 16.68 19.52
C ASP D 72 -18.40 17.08 18.09
N ASP D 73 -18.04 16.09 17.26
CA ASP D 73 -17.46 16.32 15.94
C ASP D 73 -18.47 16.67 14.84
N PRO D 74 -19.62 15.98 14.73
CA PRO D 74 -20.55 16.35 13.65
C PRO D 74 -21.05 17.77 13.73
N LYS D 75 -21.13 18.34 14.94
CA LYS D 75 -21.56 19.73 15.10
C LYS D 75 -20.41 20.68 15.40
N ASN D 76 -19.19 20.17 15.59
CA ASN D 76 -18.00 20.98 15.86
C ASN D 76 -18.19 21.85 17.11
N THR D 77 -18.31 21.18 18.26
CA THR D 77 -18.51 21.92 19.50
C THR D 77 -17.82 21.21 20.66
N LEU D 78 -17.15 22.01 21.50
CA LEU D 78 -16.35 21.50 22.61
C LEU D 78 -16.97 21.93 23.93
N PHE D 79 -16.92 21.05 24.94
CA PHE D 79 -17.56 21.31 26.22
C PHE D 79 -16.58 21.09 27.38
N LEU D 80 -16.72 21.92 28.40
CA LEU D 80 -16.12 21.71 29.72
C LEU D 80 -17.22 21.71 30.76
N GLN D 81 -17.16 20.78 31.70
CA GLN D 81 -18.12 20.63 32.78
C GLN D 81 -17.38 20.80 34.11
N MET D 82 -17.81 21.75 34.91
CA MET D 82 -17.21 22.06 36.20
C MET D 82 -18.20 21.74 37.31
N THR D 83 -17.70 21.18 38.40
CA THR D 83 -18.52 20.68 39.50
C THR D 83 -18.10 21.30 40.83
N SER D 84 -19.09 21.81 41.58
CA SER D 84 -18.92 22.27 42.96
C SER D 84 -17.86 23.37 43.05
N LEU D 85 -18.16 24.49 42.42
CA LEU D 85 -17.18 25.56 42.27
C LEU D 85 -16.92 26.28 43.59
N ARG D 86 -15.66 26.65 43.82
CA ARG D 86 -15.21 27.36 45.00
C ARG D 86 -14.63 28.71 44.59
N SER D 87 -13.99 29.39 45.55
CA SER D 87 -13.54 30.75 45.31
C SER D 87 -12.33 30.82 44.38
N GLU D 88 -11.49 29.79 44.37
CA GLU D 88 -10.26 29.84 43.59
C GLU D 88 -10.51 29.71 42.09
N ASP D 89 -11.75 29.44 41.67
CA ASP D 89 -12.04 29.16 40.27
C ASP D 89 -12.25 30.42 39.43
N THR D 90 -12.39 31.58 40.06
CA THR D 90 -12.66 32.82 39.32
C THR D 90 -11.55 33.08 38.31
N ALA D 91 -11.95 33.33 37.06
CA ALA D 91 -10.96 33.54 36.00
C ALA D 91 -11.57 33.94 34.66
N MET D 92 -10.70 34.16 33.68
CA MET D 92 -11.05 34.11 32.28
C MET D 92 -10.64 32.75 31.72
N TYR D 93 -11.43 32.24 30.79
CA TYR D 93 -11.18 30.93 30.18
C TYR D 93 -11.03 31.07 28.67
N TYR D 94 -9.98 30.44 28.15
CA TYR D 94 -9.62 30.51 26.74
C TYR D 94 -9.63 29.10 26.17
N CYS D 95 -10.13 28.97 24.95
CA CYS D 95 -10.06 27.72 24.19
C CYS D 95 -8.95 27.85 23.16
N VAL D 96 -8.08 26.84 23.10
CA VAL D 96 -6.87 26.93 22.29
C VAL D 96 -6.77 25.68 21.43
N ARG D 97 -6.05 25.83 20.32
CA ARG D 97 -5.97 24.89 19.21
C ARG D 97 -4.54 24.40 19.08
N SER D 98 -4.36 23.14 18.70
CA SER D 98 -3.00 22.67 18.43
C SER D 98 -3.04 21.38 17.62
N ILE D 99 -2.06 21.21 16.74
CA ILE D 99 -2.00 20.04 15.87
C ILE D 99 -0.56 19.55 15.80
N TYR D 100 -0.35 18.25 16.04
CA TYR D 100 0.99 17.68 16.15
C TYR D 100 1.24 16.69 15.03
N TYR D 101 2.18 17.03 14.16
CA TYR D 101 2.84 16.09 13.25
C TYR D 101 4.24 16.65 13.04
N TYR D 102 5.02 16.02 12.17
CA TYR D 102 6.39 16.49 12.05
C TYR D 102 6.46 17.88 11.43
N GLY D 103 6.70 18.90 12.25
CA GLY D 103 6.92 20.24 11.76
C GLY D 103 5.77 21.19 11.89
N SER D 104 4.77 20.89 12.70
CA SER D 104 3.62 21.77 12.85
C SER D 104 3.85 22.77 13.98
N SER D 105 2.95 23.75 14.06
CA SER D 105 3.07 24.88 14.97
C SER D 105 1.88 24.90 15.91
N PRO D 106 2.00 24.30 17.10
CA PRO D 106 0.88 24.28 18.04
C PRO D 106 0.68 25.63 18.71
N PHE D 107 -0.52 25.78 19.29
CA PHE D 107 -0.87 26.94 20.12
C PHE D 107 -0.93 28.24 19.31
N ASP D 108 -1.32 28.17 18.04
CA ASP D 108 -1.22 29.32 17.17
C ASP D 108 -2.49 30.14 17.05
N PHE D 109 -3.67 29.54 17.15
CA PHE D 109 -4.92 30.30 17.14
C PHE D 109 -5.60 30.14 18.48
N TRP D 110 -5.91 31.27 19.12
CA TRP D 110 -6.58 31.29 20.41
C TRP D 110 -7.99 31.83 20.22
N GLY D 111 -8.88 31.43 21.12
CA GLY D 111 -10.23 31.99 21.13
C GLY D 111 -10.23 33.39 21.67
N GLN D 112 -11.33 33.79 22.30
CA GLN D 112 -11.44 35.12 22.90
C GLN D 112 -11.78 35.09 24.38
N GLY D 113 -12.06 33.94 24.96
CA GLY D 113 -12.25 33.80 26.39
C GLY D 113 -13.67 34.14 26.84
N THR D 114 -13.94 33.75 28.08
CA THR D 114 -15.19 34.12 28.75
C THR D 114 -14.91 34.23 30.24
N THR D 115 -15.65 35.09 30.93
CA THR D 115 -15.42 35.37 32.33
C THR D 115 -16.29 34.45 33.20
N LEU D 116 -15.64 33.73 34.11
CA LEU D 116 -16.36 32.95 35.11
C LEU D 116 -16.02 33.55 36.48
N THR D 117 -17.05 33.87 37.25
CA THR D 117 -16.91 34.58 38.52
C THR D 117 -17.72 33.86 39.58
N VAL D 118 -17.14 33.72 40.77
CA VAL D 118 -17.73 32.99 41.88
C VAL D 118 -17.85 33.93 43.07
N ASP D 137 7.03 19.11 39.44
CA ASP D 137 6.65 20.00 38.35
C ASP D 137 7.77 21.00 38.09
N ILE D 138 8.13 21.16 36.81
CA ILE D 138 9.11 22.15 36.42
C ILE D 138 8.56 23.54 36.71
N VAL D 139 9.44 24.47 37.10
CA VAL D 139 9.06 25.84 37.38
C VAL D 139 9.84 26.78 36.48
N MET D 140 9.16 27.80 35.98
CA MET D 140 9.78 28.88 35.22
C MET D 140 9.60 30.18 35.98
N THR D 141 10.64 31.01 35.96
CA THR D 141 10.67 32.24 36.75
C THR D 141 10.94 33.42 35.82
N GLN D 142 10.08 34.44 35.89
CA GLN D 142 10.24 35.67 35.14
C GLN D 142 11.02 36.66 36.00
N ALA D 143 12.20 37.05 35.52
CA ALA D 143 13.15 37.78 36.37
C ALA D 143 12.70 39.21 36.65
N THR D 144 11.71 39.72 35.91
CA THR D 144 11.28 41.11 36.05
C THR D 144 9.76 41.17 36.18
N SER D 145 9.26 42.39 36.39
CA SER D 145 7.83 42.64 36.42
C SER D 145 7.40 43.87 35.62
N SER D 146 8.32 44.74 35.22
CA SER D 146 8.00 45.92 34.42
C SER D 146 9.30 46.51 33.89
N VAL D 147 9.28 46.93 32.63
CA VAL D 147 10.46 47.50 31.99
C VAL D 147 10.08 48.78 31.25
N PRO D 148 10.55 49.95 31.69
CA PRO D 148 10.27 51.19 30.94
C PRO D 148 11.32 51.48 29.87
N VAL D 149 10.87 51.73 28.64
CA VAL D 149 11.74 52.03 27.51
C VAL D 149 11.08 53.09 26.65
N THR D 150 11.76 53.47 25.57
CA THR D 150 11.28 54.49 24.65
C THR D 150 11.35 53.96 23.22
N PRO D 151 10.47 54.42 22.33
CA PRO D 151 10.45 53.89 20.96
C PRO D 151 11.79 54.11 20.26
N GLY D 152 12.12 53.18 19.35
CA GLY D 152 13.37 53.22 18.63
C GLY D 152 14.49 52.42 19.27
N GLU D 153 14.30 51.95 20.50
CA GLU D 153 15.31 51.15 21.19
C GLU D 153 15.03 49.66 21.01
N SER D 154 16.05 48.85 21.28
CA SER D 154 15.89 47.41 21.32
C SER D 154 15.83 46.96 22.78
N VAL D 155 15.06 45.89 23.02
CA VAL D 155 14.89 45.37 24.37
C VAL D 155 15.13 43.87 24.36
N SER D 156 15.31 43.32 25.56
CA SER D 156 15.46 41.89 25.76
C SER D 156 14.75 41.50 27.04
N ILE D 157 14.00 40.41 26.98
CA ILE D 157 13.31 39.84 28.13
C ILE D 157 13.91 38.48 28.41
N SER D 158 13.92 38.06 29.67
CA SER D 158 14.55 36.81 30.04
C SER D 158 13.68 36.05 31.02
N CYS D 159 13.79 34.72 30.98
CA CYS D 159 13.23 33.91 32.06
C CYS D 159 14.12 32.70 32.27
N ARG D 160 13.91 32.04 33.41
CA ARG D 160 14.77 30.95 33.86
C ARG D 160 13.92 29.72 34.16
N SER D 161 14.58 28.57 34.18
CA SER D 161 13.96 27.28 34.43
C SER D 161 14.55 26.66 35.70
N SER D 162 14.17 25.41 35.94
CA SER D 162 14.75 24.62 37.02
C SER D 162 15.31 23.29 36.53
N LYS D 163 15.03 22.90 35.29
CA LYS D 163 15.49 21.64 34.73
C LYS D 163 15.80 21.88 33.26
N SER D 164 16.63 21.01 32.68
CA SER D 164 16.98 21.19 31.28
C SER D 164 15.79 20.84 30.39
N LEU D 165 15.49 21.74 29.45
CA LEU D 165 14.40 21.55 28.50
C LEU D 165 14.85 20.91 27.19
N LEU D 166 16.14 20.66 27.01
CA LEU D 166 16.65 20.08 25.78
C LEU D 166 16.48 18.57 25.85
N HIS D 167 15.60 18.04 25.01
CA HIS D 167 15.34 16.62 24.95
C HIS D 167 16.43 15.93 24.10
N SER D 168 16.43 14.61 24.15
CA SER D 168 17.44 13.84 23.43
C SER D 168 17.20 13.81 21.93
N ASN D 169 15.98 14.07 21.47
CA ASN D 169 15.73 14.08 20.03
C ASN D 169 16.14 15.39 19.37
N GLY D 170 16.51 16.41 20.16
CA GLY D 170 17.01 17.65 19.62
C GLY D 170 16.12 18.86 19.85
N ASN D 171 14.90 18.67 20.34
CA ASN D 171 13.96 19.77 20.45
C ASN D 171 14.30 20.65 21.66
N THR D 172 13.50 21.69 21.86
CA THR D 172 13.55 22.48 23.09
C THR D 172 12.17 23.13 23.25
N TYR D 173 11.35 22.57 24.14
CA TYR D 173 9.93 22.89 24.20
C TYR D 173 9.70 24.18 24.99
N LEU D 174 10.13 25.28 24.40
CA LEU D 174 9.97 26.61 24.99
C LEU D 174 9.12 27.47 24.08
N TYR D 175 8.15 28.18 24.66
CA TYR D 175 7.23 29.01 23.90
C TYR D 175 7.21 30.43 24.45
N TRP D 176 7.02 31.40 23.55
CA TRP D 176 6.92 32.82 23.87
C TRP D 176 5.63 33.36 23.30
N PHE D 177 4.81 33.97 24.16
CA PHE D 177 3.46 34.44 23.86
C PHE D 177 3.37 35.93 24.20
N LEU D 178 2.44 36.62 23.57
CA LEU D 178 2.25 38.06 23.79
C LEU D 178 0.78 38.35 24.06
N GLN D 179 0.51 39.36 24.88
CA GLN D 179 -0.86 39.77 25.15
C GLN D 179 -0.90 41.29 25.30
N ARG D 180 -1.56 41.96 24.35
CA ARG D 180 -1.81 43.39 24.27
C ARG D 180 -3.03 43.76 25.10
N PRO D 181 -3.14 45.02 25.51
CA PRO D 181 -4.26 45.41 26.41
C PRO D 181 -5.61 45.14 25.79
N GLY D 182 -6.42 44.34 26.49
CA GLY D 182 -7.78 44.07 26.07
C GLY D 182 -7.91 43.13 24.89
N GLN D 183 -6.93 42.25 24.67
CA GLN D 183 -6.99 41.29 23.59
C GLN D 183 -6.51 39.93 24.07
N SER D 184 -6.84 38.90 23.29
CA SER D 184 -6.38 37.56 23.58
C SER D 184 -4.91 37.40 23.18
N PRO D 185 -4.20 36.45 23.78
CA PRO D 185 -2.79 36.27 23.43
C PRO D 185 -2.61 35.74 22.01
N GLN D 186 -1.36 35.55 21.64
CA GLN D 186 -0.98 35.35 20.25
C GLN D 186 0.41 34.76 20.19
N LEU D 187 0.54 33.62 19.50
CA LEU D 187 1.85 32.97 19.41
C LEU D 187 2.87 33.90 18.77
N LEU D 188 4.05 33.95 19.38
CA LEU D 188 5.21 34.64 18.82
C LEU D 188 6.32 33.68 18.45
N ILE D 189 6.72 32.79 19.36
CA ILE D 189 7.88 31.94 19.12
C ILE D 189 7.63 30.56 19.68
N TYR D 190 7.70 29.53 18.83
CA TYR D 190 7.46 28.16 19.24
C TYR D 190 8.74 27.34 19.16
N ARG D 191 8.97 26.51 20.18
CA ARG D 191 10.14 25.64 20.30
C ARG D 191 11.44 26.45 20.32
N MET D 192 11.41 27.59 20.99
CA MET D 192 12.56 28.38 21.45
C MET D 192 13.32 29.12 20.36
N SER D 193 13.10 28.79 19.08
CA SER D 193 13.80 29.53 18.04
C SER D 193 12.96 29.84 16.81
N ASN D 194 11.82 29.20 16.61
CA ASN D 194 11.06 29.35 15.39
C ASN D 194 10.02 30.45 15.55
N LEU D 195 9.71 31.12 14.44
CA LEU D 195 8.88 32.31 14.44
C LEU D 195 7.60 32.04 13.65
N ALA D 196 6.45 32.37 14.24
CA ALA D 196 5.17 32.00 13.64
C ALA D 196 4.91 32.80 12.39
N SER D 197 3.83 32.42 11.69
CA SER D 197 3.47 33.07 10.43
C SER D 197 2.44 34.17 10.67
N GLY D 198 2.70 35.34 10.10
CA GLY D 198 1.91 36.52 10.37
C GLY D 198 2.53 37.47 11.38
N VAL D 199 3.76 37.22 11.80
CA VAL D 199 4.43 37.99 12.84
C VAL D 199 5.61 38.71 12.19
N PRO D 200 5.75 40.03 12.40
CA PRO D 200 6.86 40.75 11.76
C PRO D 200 8.21 40.19 12.18
N ASP D 201 9.12 40.09 11.22
CA ASP D 201 10.39 39.42 11.47
C ASP D 201 11.40 40.34 12.15
N ARG D 202 10.99 40.99 13.24
CA ARG D 202 11.91 41.73 14.08
C ARG D 202 12.02 41.15 15.48
N PHE D 203 11.34 40.03 15.74
CA PHE D 203 11.42 39.33 17.02
C PHE D 203 12.40 38.17 16.90
N SER D 204 12.99 37.80 18.02
CA SER D 204 13.86 36.63 18.03
C SER D 204 13.94 36.08 19.45
N GLY D 205 14.47 34.87 19.56
CA GLY D 205 14.62 34.24 20.86
C GLY D 205 15.74 33.23 20.87
N SER D 206 16.47 33.13 21.97
CA SER D 206 17.58 32.21 22.06
C SER D 206 17.89 31.92 23.52
N GLY D 207 19.00 31.26 23.77
CA GLY D 207 19.42 30.93 25.11
C GLY D 207 20.06 29.56 25.13
N SER D 208 20.11 28.99 26.34
CA SER D 208 20.60 27.63 26.50
C SER D 208 20.02 27.08 27.79
N GLY D 209 20.07 25.76 27.93
CA GLY D 209 19.28 25.04 28.92
C GLY D 209 19.12 25.74 30.25
N THR D 210 17.87 25.91 30.67
CA THR D 210 17.38 26.51 31.89
C THR D 210 17.41 28.05 31.89
N ALA D 211 17.95 28.69 30.86
CA ALA D 211 17.99 30.15 30.83
C ALA D 211 17.79 30.66 29.41
N PHE D 212 16.74 31.47 29.21
CA PHE D 212 16.36 31.85 27.86
C PHE D 212 16.01 33.33 27.81
N THR D 213 16.16 33.90 26.61
CA THR D 213 15.99 35.34 26.40
C THR D 213 15.37 35.61 25.04
N LEU D 214 14.24 36.34 25.05
CA LEU D 214 13.63 36.93 23.87
C LEU D 214 14.22 38.30 23.62
N THR D 215 14.24 38.71 22.35
CA THR D 215 14.80 40.00 21.97
C THR D 215 13.94 40.67 20.90
N ILE D 216 13.79 41.98 21.03
CA ILE D 216 12.99 42.80 20.12
C ILE D 216 13.86 43.95 19.62
N SER D 217 13.83 44.19 18.32
CA SER D 217 14.58 45.28 17.69
C SER D 217 13.63 46.29 17.10
N ARG D 218 13.99 47.58 17.20
CA ARG D 218 13.24 48.68 16.59
C ARG D 218 11.78 48.67 17.06
N LEU D 219 11.62 48.95 18.35
CA LEU D 219 10.29 49.00 18.96
C LEU D 219 9.40 49.99 18.22
N GLU D 220 8.11 49.68 18.17
CA GLU D 220 7.11 50.57 17.63
C GLU D 220 5.87 50.47 18.51
N ALA D 221 4.93 51.38 18.29
CA ALA D 221 3.67 51.33 19.02
C ALA D 221 2.92 50.04 18.67
N GLU D 222 1.86 49.77 19.45
CA GLU D 222 1.10 48.52 19.35
C GLU D 222 2.00 47.31 19.55
N ASP D 223 3.04 47.48 20.36
CA ASP D 223 3.90 46.39 20.82
C ASP D 223 4.14 46.59 22.31
N VAL D 224 3.05 46.75 23.06
CA VAL D 224 3.09 47.09 24.47
C VAL D 224 2.12 46.17 25.20
N GLY D 225 2.57 45.56 26.28
CA GLY D 225 1.74 44.59 26.96
C GLY D 225 2.60 43.57 27.68
N VAL D 226 2.03 42.41 27.93
CA VAL D 226 2.67 41.39 28.76
C VAL D 226 3.18 40.24 27.89
N TYR D 227 4.33 39.72 28.26
CA TYR D 227 4.98 38.61 27.57
C TYR D 227 5.05 37.41 28.50
N TYR D 228 4.85 36.21 27.93
CA TYR D 228 4.86 34.98 28.70
C TYR D 228 5.80 33.96 28.06
N CYS D 229 6.38 33.11 28.91
CA CYS D 229 7.25 32.02 28.49
C CYS D 229 6.77 30.73 29.14
N MET D 230 6.64 29.69 28.32
CA MET D 230 5.94 28.47 28.69
C MET D 230 6.76 27.25 28.27
N GLN D 231 6.57 26.14 28.97
CA GLN D 231 7.20 24.88 28.62
C GLN D 231 6.15 23.83 28.34
N HIS D 232 6.50 22.86 27.50
CA HIS D 232 5.59 21.79 27.09
C HIS D 232 6.29 20.43 27.12
N LEU D 233 7.36 20.30 27.92
CA LEU D 233 8.18 19.09 27.90
C LEU D 233 7.44 17.89 28.44
N GLU D 234 6.45 18.11 29.31
CA GLU D 234 5.73 17.01 29.94
C GLU D 234 4.49 17.59 30.60
N TYR D 235 3.54 16.72 30.89
CA TYR D 235 2.39 17.32 31.55
C TYR D 235 2.57 17.20 33.07
N PRO D 236 2.18 18.22 33.85
CA PRO D 236 1.47 19.44 33.48
C PRO D 236 2.32 20.51 32.79
N LEU D 237 1.64 21.46 32.15
CA LEU D 237 2.29 22.61 31.54
C LEU D 237 2.27 23.77 32.52
N THR D 238 3.34 24.55 32.54
CA THR D 238 3.52 25.58 33.56
C THR D 238 3.83 26.93 32.92
N PHE D 239 3.25 27.98 33.46
CA PHE D 239 3.41 29.34 32.99
C PHE D 239 4.37 30.11 33.89
N GLY D 240 4.68 31.33 33.46
CA GLY D 240 5.47 32.26 34.24
C GLY D 240 4.63 33.38 34.79
N ALA D 241 5.30 34.29 35.50
CA ALA D 241 4.59 35.41 36.11
C ALA D 241 4.16 36.45 35.09
N GLY D 242 4.91 36.60 34.01
CA GLY D 242 4.59 37.59 33.00
C GLY D 242 5.43 38.84 33.13
N THR D 243 5.97 39.32 32.01
CA THR D 243 6.80 40.52 32.00
C THR D 243 6.04 41.64 31.30
N LYS D 244 5.91 42.78 31.96
CA LYS D 244 5.12 43.88 31.42
C LYS D 244 6.02 44.92 30.79
N LEU D 245 5.86 45.13 29.49
CA LEU D 245 6.58 46.14 28.74
C LEU D 245 5.64 47.30 28.45
N GLU D 246 6.06 48.50 28.82
CA GLU D 246 5.27 49.71 28.63
C GLU D 246 6.22 50.88 28.44
N LEU E 12 9.92 -56.49 30.54
CA LEU E 12 11.12 -56.72 29.68
C LEU E 12 11.86 -55.40 29.46
N SER E 13 12.69 -55.34 28.42
CA SER E 13 13.46 -54.11 28.10
C SER E 13 13.02 -53.55 26.76
N THR E 14 11.83 -53.93 26.29
CA THR E 14 11.28 -53.46 24.99
C THR E 14 10.27 -52.34 25.24
N ARG E 15 10.28 -51.76 26.46
CA ARG E 15 9.34 -50.66 26.81
C ARG E 15 10.03 -49.32 26.55
N VAL E 16 11.31 -49.35 26.18
CA VAL E 16 12.08 -48.10 25.90
C VAL E 16 12.01 -47.82 24.39
N THR E 17 11.59 -48.81 23.60
CA THR E 17 11.47 -48.64 22.13
C THR E 17 10.15 -47.97 21.79
N LEU E 18 9.07 -48.34 22.49
CA LEU E 18 7.73 -47.75 22.25
C LEU E 18 7.71 -46.30 22.75
N ALA E 19 8.39 -46.02 23.85
CA ALA E 19 8.45 -44.66 24.43
C ALA E 19 9.00 -43.68 23.39
N PHE E 20 10.01 -44.09 22.63
CA PHE E 20 10.60 -43.25 21.60
C PHE E 20 9.61 -42.92 20.50
N PHE E 21 8.84 -43.91 20.05
CA PHE E 21 7.84 -43.66 19.01
C PHE E 21 6.74 -42.72 19.49
N MET E 22 6.27 -42.91 20.73
CA MET E 22 5.25 -42.02 21.27
C MET E 22 5.76 -40.58 21.34
N SER E 23 7.00 -40.39 21.80
CA SER E 23 7.56 -39.06 21.87
C SER E 23 7.69 -38.45 20.48
N LEU E 24 8.08 -39.25 19.49
CA LEU E 24 8.19 -38.73 18.13
C LEU E 24 6.84 -38.25 17.61
N VAL E 25 5.77 -39.02 17.86
CA VAL E 25 4.46 -38.60 17.38
C VAL E 25 4.02 -37.30 18.04
N ALA E 26 4.25 -37.19 19.35
CA ALA E 26 3.91 -35.95 20.04
C ALA E 26 4.67 -34.77 19.45
N PHE E 27 5.96 -34.96 19.17
CA PHE E 27 6.78 -33.91 18.60
C PHE E 27 6.26 -33.48 17.24
N ALA E 28 5.89 -34.45 16.40
CA ALA E 28 5.37 -34.11 15.07
C ALA E 28 4.11 -33.29 15.15
N ILE E 29 3.16 -33.71 16.01
CA ILE E 29 1.90 -32.97 16.13
C ILE E 29 2.15 -31.54 16.56
N MET E 30 2.94 -31.37 17.63
CA MET E 30 3.18 -30.03 18.16
C MET E 30 3.90 -29.16 17.13
N LEU E 31 4.88 -29.73 16.42
CA LEU E 31 5.61 -28.95 15.43
C LEU E 31 4.69 -28.45 14.32
N GLY E 32 3.87 -29.32 13.75
CA GLY E 32 3.01 -28.90 12.66
C GLY E 32 2.05 -27.81 13.06
N ASN E 33 1.37 -27.98 14.20
CA ASN E 33 0.41 -26.96 14.58
C ASN E 33 1.08 -25.67 15.02
N ALA E 34 2.28 -25.74 15.61
CA ALA E 34 3.02 -24.51 15.90
C ALA E 34 3.37 -23.76 14.62
N LEU E 35 3.77 -24.49 13.57
CA LEU E 35 4.03 -23.83 12.30
C LEU E 35 2.80 -23.10 11.79
N VAL E 36 1.64 -23.74 11.86
CA VAL E 36 0.43 -23.07 11.35
C VAL E 36 0.14 -21.81 12.17
N ILE E 37 0.27 -21.89 13.49
CA ILE E 37 0.01 -20.72 14.33
C ILE E 37 0.98 -19.60 14.00
N LEU E 38 2.25 -19.93 13.81
CA LEU E 38 3.24 -18.93 13.43
C LEU E 38 2.88 -18.29 12.10
N ALA E 39 2.43 -19.10 11.14
CA ALA E 39 2.08 -18.57 9.82
C ALA E 39 0.95 -17.56 9.93
N PHE E 40 -0.04 -17.83 10.77
CA PHE E 40 -1.08 -16.82 10.96
C PHE E 40 -0.52 -15.56 11.62
N VAL E 41 0.25 -15.73 12.70
CA VAL E 41 0.62 -14.58 13.51
C VAL E 41 1.55 -13.64 12.75
N VAL E 42 2.46 -14.20 11.94
CA VAL E 42 3.46 -13.39 11.25
C VAL E 42 2.80 -12.39 10.31
N ASP E 43 1.89 -12.86 9.47
CA ASP E 43 1.38 -12.06 8.36
C ASP E 43 0.08 -11.34 8.74
N LYS E 44 -0.08 -10.13 8.20
CA LYS E 44 -1.27 -9.32 8.42
C LYS E 44 -2.18 -9.29 7.20
N ASN E 45 -1.92 -10.13 6.20
CA ASN E 45 -2.82 -10.26 5.06
C ASN E 45 -3.81 -11.40 5.21
N LEU E 46 -3.51 -12.38 6.05
CA LEU E 46 -4.39 -13.52 6.28
C LEU E 46 -5.47 -13.17 7.31
N ARG E 47 -6.27 -12.16 6.98
CA ARG E 47 -7.37 -11.73 7.83
C ARG E 47 -8.66 -11.94 7.08
N HIS E 48 -9.20 -13.16 7.19
CA HIS E 48 -10.41 -13.59 6.52
C HIS E 48 -11.01 -14.69 7.38
N ARG E 49 -12.27 -15.05 7.09
CA ARG E 49 -12.93 -16.06 7.90
C ARG E 49 -12.14 -17.37 7.90
N SER E 50 -11.74 -17.83 6.72
CA SER E 50 -11.12 -19.14 6.61
C SER E 50 -9.84 -19.22 7.45
N SER E 51 -9.05 -18.15 7.47
CA SER E 51 -7.80 -18.19 8.22
C SER E 51 -8.03 -18.22 9.72
N TYR E 52 -9.07 -17.54 10.21
CA TYR E 52 -9.43 -17.65 11.61
C TYR E 52 -9.83 -19.08 11.97
N PHE E 53 -10.60 -19.73 11.10
CA PHE E 53 -11.00 -21.10 11.41
C PHE E 53 -9.80 -22.05 11.36
N PHE E 54 -8.86 -21.83 10.46
CA PHE E 54 -7.66 -22.64 10.45
C PHE E 54 -6.83 -22.43 11.71
N LEU E 55 -6.79 -21.20 12.23
CA LEU E 55 -6.12 -20.95 13.50
C LEU E 55 -6.77 -21.73 14.64
N ASN E 56 -8.10 -21.70 14.70
CA ASN E 56 -8.82 -22.45 15.73
C ASN E 56 -8.44 -23.94 15.69
N LEU E 57 -8.46 -24.51 14.49
CA LEU E 57 -8.13 -25.93 14.35
C LEU E 57 -6.70 -26.21 14.82
N ALA E 58 -5.75 -25.35 14.45
CA ALA E 58 -4.37 -25.57 14.83
C ALA E 58 -4.19 -25.54 16.34
N ILE E 59 -4.87 -24.62 17.02
CA ILE E 59 -4.77 -24.53 18.47
C ILE E 59 -5.30 -25.81 19.13
N SER E 60 -6.48 -26.25 18.69
CA SER E 60 -7.06 -27.46 19.28
C SER E 60 -6.15 -28.66 19.11
N ASP E 61 -5.54 -28.80 17.94
CA ASP E 61 -4.63 -29.94 17.77
C ASP E 61 -3.35 -29.78 18.58
N PHE E 62 -2.86 -28.55 18.73
CA PHE E 62 -1.59 -28.32 19.41
C PHE E 62 -1.67 -28.73 20.88
N PHE E 63 -2.78 -28.42 21.55
CA PHE E 63 -2.87 -28.79 22.96
C PHE E 63 -2.85 -30.31 23.16
N VAL E 64 -3.53 -31.05 22.29
CA VAL E 64 -3.41 -32.52 22.32
C VAL E 64 -1.96 -32.93 22.12
N GLY E 65 -1.28 -32.29 21.17
CA GLY E 65 0.09 -32.68 20.88
C GLY E 65 1.02 -32.49 22.06
N VAL E 66 0.78 -31.45 22.86
CA VAL E 66 1.69 -31.15 23.96
C VAL E 66 1.32 -31.91 25.23
N ILE E 67 0.06 -31.88 25.65
CA ILE E 67 -0.28 -32.33 26.99
C ILE E 67 -0.41 -33.85 27.05
N SER E 68 -1.36 -34.41 26.30
CA SER E 68 -1.92 -35.71 26.67
C SER E 68 -1.05 -36.90 26.24
N ILE E 69 -0.13 -36.72 25.30
CA ILE E 69 0.66 -37.86 24.83
C ILE E 69 1.82 -38.19 25.77
N PRO E 70 2.60 -37.21 26.28
CA PRO E 70 3.69 -37.57 27.20
C PRO E 70 3.22 -38.19 28.51
N LEU E 71 2.23 -37.56 29.16
CA LEU E 71 1.74 -38.08 30.44
C LEU E 71 1.22 -39.52 30.33
N TYR E 72 0.77 -39.93 29.16
CA TYR E 72 0.21 -41.27 28.98
C TYR E 72 1.28 -42.34 28.87
N ILE E 73 2.53 -41.96 28.65
CA ILE E 73 3.60 -42.95 28.48
C ILE E 73 3.93 -43.62 29.81
N PRO E 74 4.34 -42.89 30.86
CA PRO E 74 4.70 -43.59 32.10
C PRO E 74 3.56 -44.35 32.74
N HIS E 75 2.31 -43.93 32.49
CA HIS E 75 1.17 -44.64 33.05
C HIS E 75 1.10 -46.06 32.52
N THR E 76 1.30 -46.25 31.23
CA THR E 76 1.16 -47.56 30.62
C THR E 76 2.47 -48.33 30.54
N LEU E 77 3.60 -47.66 30.74
CA LEU E 77 4.89 -48.33 30.59
C LEU E 77 5.68 -48.43 31.89
N PHE E 78 5.70 -47.39 32.72
CA PHE E 78 6.57 -47.36 33.88
C PHE E 78 5.83 -47.40 35.20
N GLU E 79 4.93 -46.44 35.47
CA GLU E 79 4.45 -46.29 36.83
C GLU E 79 3.10 -45.57 36.83
N TRP E 80 2.21 -46.01 37.74
CA TRP E 80 0.86 -45.47 37.85
C TRP E 80 0.85 -44.29 38.83
N ASP E 81 1.53 -43.22 38.40
CA ASP E 81 1.69 -42.02 39.24
C ASP E 81 0.72 -40.91 38.84
N PHE E 82 -0.58 -41.16 39.00
CA PHE E 82 -1.59 -40.13 38.75
C PHE E 82 -2.34 -39.70 40.00
N GLY E 83 -3.03 -40.61 40.67
CA GLY E 83 -4.01 -40.18 41.65
C GLY E 83 -5.31 -39.79 40.99
N LYS E 84 -6.41 -39.79 41.75
CA LYS E 84 -7.73 -39.65 41.15
C LYS E 84 -7.92 -38.29 40.47
N GLU E 85 -7.50 -37.21 41.13
CA GLU E 85 -7.73 -35.88 40.57
C GLU E 85 -7.00 -35.69 39.25
N ILE E 86 -5.77 -36.18 39.17
CA ILE E 86 -4.99 -36.05 37.94
C ILE E 86 -5.63 -36.84 36.81
N CYS E 87 -6.19 -38.00 37.11
CA CYS E 87 -6.90 -38.75 36.08
C CYS E 87 -8.14 -37.99 35.59
N VAL E 88 -8.89 -37.38 36.52
CA VAL E 88 -10.05 -36.59 36.11
C VAL E 88 -9.61 -35.46 35.18
N PHE E 89 -8.58 -34.73 35.59
CA PHE E 89 -8.04 -33.65 34.77
C PHE E 89 -7.66 -34.14 33.38
N TRP E 90 -6.86 -35.21 33.32
CA TRP E 90 -6.33 -35.70 32.05
C TRP E 90 -7.46 -36.11 31.11
N LEU E 91 -8.39 -36.92 31.60
CA LEU E 91 -9.47 -37.39 30.75
C LEU E 91 -10.34 -36.24 30.26
N THR E 92 -10.70 -35.30 31.15
CA THR E 92 -11.55 -34.20 30.72
C THR E 92 -10.87 -33.36 29.66
N THR E 93 -9.58 -33.06 29.84
CA THR E 93 -8.86 -32.29 28.84
C THR E 93 -8.86 -33.00 27.50
N ASP E 94 -8.55 -34.30 27.49
CA ASP E 94 -8.45 -35.02 26.23
C ASP E 94 -9.78 -35.04 25.48
N TYR E 95 -10.87 -35.31 26.20
CA TYR E 95 -12.17 -35.36 25.54
C TYR E 95 -12.56 -34.00 24.96
N LEU E 96 -12.37 -32.92 25.74
CA LEU E 96 -12.71 -31.60 25.24
C LEU E 96 -11.93 -31.28 23.97
N LEU E 97 -10.64 -31.56 23.96
CA LEU E 97 -9.83 -31.21 22.80
C LEU E 97 -10.27 -31.97 21.55
N CYS E 98 -10.54 -33.29 21.68
CA CYS E 98 -10.92 -34.05 20.50
C CYS E 98 -12.25 -33.55 19.91
N THR E 99 -13.25 -33.34 20.77
CA THR E 99 -14.53 -32.89 20.23
C THR E 99 -14.42 -31.50 19.60
N ALA E 100 -13.57 -30.64 20.16
CA ALA E 100 -13.36 -29.33 19.55
C ALA E 100 -12.78 -29.46 18.15
N SER E 101 -11.82 -30.37 17.96
CA SER E 101 -11.25 -30.54 16.62
C SER E 101 -12.32 -30.96 15.61
N VAL E 102 -13.17 -31.91 15.99
CA VAL E 102 -14.21 -32.36 15.05
C VAL E 102 -15.14 -31.20 14.67
N TYR E 103 -15.58 -30.42 15.66
CA TYR E 103 -16.50 -29.34 15.34
C TYR E 103 -15.85 -28.27 14.48
N ASN E 104 -14.55 -28.02 14.64
CA ASN E 104 -13.89 -27.10 13.73
C ASN E 104 -13.91 -27.60 12.29
N ILE E 105 -13.73 -28.91 12.10
CA ILE E 105 -13.81 -29.46 10.74
C ILE E 105 -15.18 -29.19 10.12
N VAL E 106 -16.25 -29.44 10.89
CA VAL E 106 -17.59 -29.21 10.35
C VAL E 106 -17.77 -27.73 9.98
N LEU E 107 -17.25 -26.82 10.81
CA LEU E 107 -17.40 -25.40 10.52
C LEU E 107 -16.71 -25.00 9.22
N ILE E 108 -15.49 -25.51 9.00
CA ILE E 108 -14.77 -25.18 7.77
C ILE E 108 -15.54 -25.66 6.55
N SER E 109 -16.09 -26.87 6.61
CA SER E 109 -16.86 -27.36 5.46
C SER E 109 -18.08 -26.49 5.19
N TYR E 110 -18.78 -26.05 6.24
CA TYR E 110 -19.95 -25.19 6.02
C TYR E 110 -19.56 -23.88 5.35
N ASP E 111 -18.47 -23.26 5.81
CA ASP E 111 -17.99 -22.05 5.14
C ASP E 111 -17.74 -22.30 3.66
N ARG E 112 -17.00 -23.36 3.34
CA ARG E 112 -16.68 -23.65 1.96
C ARG E 112 -17.92 -23.89 1.12
N TYR E 113 -18.99 -24.41 1.71
CA TYR E 113 -20.21 -24.63 0.96
C TYR E 113 -20.95 -23.32 0.69
N LEU E 114 -20.97 -22.43 1.68
CA LEU E 114 -21.57 -21.11 1.41
C LEU E 114 -20.77 -20.33 0.38
N SER E 115 -19.48 -20.64 0.22
CA SER E 115 -18.68 -19.92 -0.75
C SER E 115 -19.05 -20.24 -2.20
N VAL E 116 -19.87 -21.26 -2.44
CA VAL E 116 -20.20 -21.69 -3.79
C VAL E 116 -21.70 -21.76 -4.02
N SER E 117 -22.49 -21.97 -2.97
CA SER E 117 -23.93 -21.97 -3.16
C SER E 117 -24.47 -20.57 -3.41
N ASN E 118 -23.77 -19.53 -2.96
CA ASN E 118 -24.26 -18.17 -3.08
C ASN E 118 -23.04 -17.25 -3.08
N ALA E 119 -22.67 -16.77 -4.26
CA ALA E 119 -21.44 -16.01 -4.40
C ALA E 119 -21.63 -14.51 -4.26
N VAL E 120 -22.80 -13.99 -4.65
CA VAL E 120 -23.03 -12.55 -4.59
C VAL E 120 -23.00 -12.07 -3.14
N SER E 121 -23.76 -12.73 -2.27
CA SER E 121 -23.76 -12.32 -0.86
C SER E 121 -22.41 -12.58 -0.21
N TYR E 122 -21.78 -13.71 -0.54
CA TYR E 122 -20.47 -13.99 0.04
C TYR E 122 -19.43 -12.95 -0.39
N ARG E 123 -19.65 -12.27 -1.50
CA ARG E 123 -18.74 -11.20 -1.88
C ARG E 123 -19.15 -9.87 -1.25
N THR E 124 -20.44 -9.68 -0.98
CA THR E 124 -20.96 -8.38 -0.55
C THR E 124 -21.34 -8.37 0.94
N GLN E 125 -20.56 -9.05 1.79
CA GLN E 125 -20.74 -8.98 3.23
C GLN E 125 -19.54 -8.30 3.87
N HIS E 126 -19.80 -7.52 4.92
CA HIS E 126 -18.76 -6.75 5.60
C HIS E 126 -18.80 -6.89 7.12
N THR E 127 -19.58 -7.82 7.65
CA THR E 127 -19.66 -8.02 9.09
C THR E 127 -18.49 -8.89 9.53
N GLY E 128 -17.43 -8.25 10.01
CA GLY E 128 -16.19 -8.96 10.31
C GLY E 128 -15.48 -8.53 11.57
N VAL E 129 -16.22 -8.25 12.64
CA VAL E 129 -15.60 -7.75 13.86
C VAL E 129 -15.72 -8.77 14.99
N LEU E 130 -16.95 -9.09 15.38
CA LEU E 130 -17.20 -9.93 16.55
C LEU E 130 -17.85 -11.27 16.23
N LYS E 131 -18.51 -11.40 15.07
CA LYS E 131 -19.18 -12.65 14.73
C LYS E 131 -18.20 -13.83 14.72
N ILE E 132 -16.98 -13.59 14.26
CA ILE E 132 -15.99 -14.65 14.15
C ILE E 132 -15.64 -15.20 15.53
N VAL E 133 -15.29 -14.30 16.47
CA VAL E 133 -14.98 -14.74 17.81
C VAL E 133 -16.20 -15.34 18.49
N THR E 134 -17.38 -14.80 18.20
CA THR E 134 -18.61 -15.40 18.70
C THR E 134 -18.71 -16.86 18.31
N LEU E 135 -18.52 -17.17 17.03
CA LEU E 135 -18.65 -18.54 16.57
C LEU E 135 -17.56 -19.44 17.16
N MET E 136 -16.33 -18.95 17.23
CA MET E 136 -15.25 -19.78 17.78
C MET E 136 -15.53 -20.13 19.24
N VAL E 137 -15.93 -19.15 20.05
CA VAL E 137 -16.23 -19.42 21.43
C VAL E 137 -17.43 -20.36 21.54
N ALA E 138 -18.41 -20.23 20.62
CA ALA E 138 -19.56 -21.11 20.66
C ALA E 138 -19.17 -22.56 20.42
N VAL E 139 -18.27 -22.81 19.45
CA VAL E 139 -17.88 -24.19 19.21
C VAL E 139 -17.07 -24.75 20.37
N TRP E 140 -16.23 -23.92 21.01
CA TRP E 140 -15.50 -24.42 22.19
C TRP E 140 -16.47 -24.76 23.33
N VAL E 141 -17.46 -23.91 23.55
CA VAL E 141 -18.43 -24.16 24.62
C VAL E 141 -19.20 -25.44 24.36
N LEU E 142 -19.66 -25.63 23.13
CA LEU E 142 -20.38 -26.86 22.80
C LEU E 142 -19.48 -28.09 22.97
N ALA E 143 -18.22 -27.97 22.57
CA ALA E 143 -17.29 -29.09 22.74
C ALA E 143 -17.15 -29.47 24.20
N PHE E 144 -17.08 -28.47 25.09
CA PHE E 144 -17.06 -28.77 26.51
C PHE E 144 -18.33 -29.48 26.94
N LEU E 145 -19.49 -28.89 26.60
CA LEU E 145 -20.77 -29.44 27.05
C LEU E 145 -21.02 -30.85 26.54
N VAL E 146 -20.30 -31.27 25.49
CA VAL E 146 -20.45 -32.63 24.99
C VAL E 146 -20.05 -33.65 26.07
N ASN E 147 -18.91 -33.42 26.72
CA ASN E 147 -18.31 -34.42 27.61
C ASN E 147 -18.27 -34.00 29.06
N GLY E 148 -17.74 -32.82 29.36
CA GLY E 148 -17.32 -32.44 30.68
C GLY E 148 -18.19 -32.90 31.84
N PRO E 149 -19.47 -32.51 31.82
CA PRO E 149 -20.36 -32.89 32.93
C PRO E 149 -20.40 -34.39 33.22
N MET E 150 -20.41 -35.23 32.19
CA MET E 150 -20.51 -36.67 32.43
C MET E 150 -19.26 -37.20 33.11
N ILE E 151 -18.08 -36.75 32.69
CA ILE E 151 -16.85 -37.21 33.32
C ILE E 151 -16.75 -36.69 34.75
N LEU E 152 -17.21 -35.45 34.98
CA LEU E 152 -17.20 -34.92 36.34
C LEU E 152 -18.14 -35.70 37.25
N VAL E 153 -19.32 -36.05 36.76
CA VAL E 153 -20.32 -36.72 37.60
C VAL E 153 -19.84 -38.11 38.00
N SER E 154 -19.14 -38.80 37.11
CA SER E 154 -18.75 -40.19 37.35
C SER E 154 -17.97 -40.33 38.66
N GLU E 155 -18.50 -41.16 39.57
CA GLU E 155 -17.95 -41.37 40.90
C GLU E 155 -17.43 -42.79 41.09
N SER E 156 -18.19 -43.80 40.68
CA SER E 156 -17.89 -45.19 41.00
C SER E 156 -16.72 -45.75 40.19
N TRP E 157 -15.99 -44.92 39.46
CA TRP E 157 -14.90 -45.41 38.62
C TRP E 157 -13.53 -45.36 39.30
N SER E 162 -8.00 -50.38 38.53
CA SER E 162 -8.55 -50.16 37.20
C SER E 162 -7.82 -49.02 36.51
N GLU E 163 -7.63 -49.16 35.20
CA GLU E 163 -7.03 -48.10 34.41
C GLU E 163 -7.94 -46.88 34.40
N CYS E 164 -7.33 -45.70 34.39
CA CYS E 164 -8.09 -44.47 34.45
C CYS E 164 -8.88 -44.23 33.17
N GLU E 165 -10.16 -44.56 33.19
CA GLU E 165 -11.08 -44.36 32.08
C GLU E 165 -12.43 -43.97 32.66
N PRO E 166 -13.27 -43.28 31.88
CA PRO E 166 -14.53 -42.79 32.43
C PRO E 166 -15.43 -43.92 32.91
N GLY E 167 -16.23 -43.62 33.94
CA GLY E 167 -17.11 -44.61 34.51
C GLY E 167 -18.37 -44.90 33.72
N PHE E 168 -18.81 -43.94 32.90
CA PHE E 168 -20.07 -44.15 32.19
C PHE E 168 -19.98 -45.32 31.21
N PHE E 169 -18.76 -45.78 30.90
CA PHE E 169 -18.60 -47.02 30.14
C PHE E 169 -19.42 -48.17 30.70
N SER E 170 -19.75 -48.14 31.98
CA SER E 170 -20.48 -49.24 32.59
C SER E 170 -21.93 -49.33 32.12
N GLU E 171 -22.42 -48.35 31.37
CA GLU E 171 -23.74 -48.41 30.78
C GLU E 171 -23.66 -48.00 29.32
N TRP E 172 -24.35 -48.74 28.45
CA TRP E 172 -24.24 -48.54 27.02
C TRP E 172 -25.10 -47.39 26.50
N TYR E 173 -26.05 -46.91 27.29
CA TYR E 173 -26.88 -45.79 26.85
C TYR E 173 -26.05 -44.54 26.65
N ILE E 174 -25.23 -44.19 27.65
CA ILE E 174 -24.40 -43.00 27.56
C ILE E 174 -23.40 -43.14 26.43
N LEU E 175 -22.82 -44.33 26.27
CA LEU E 175 -21.91 -44.57 25.16
C LEU E 175 -22.61 -44.31 23.83
N ALA E 176 -23.82 -44.84 23.67
CA ALA E 176 -24.55 -44.69 22.41
C ALA E 176 -24.81 -43.22 22.11
N ILE E 177 -25.35 -42.48 23.09
CA ILE E 177 -25.73 -41.09 22.86
C ILE E 177 -24.49 -40.24 22.57
N THR E 178 -23.44 -40.43 23.37
CA THR E 178 -22.21 -39.66 23.19
C THR E 178 -21.57 -39.94 21.83
N SER E 179 -21.51 -41.22 21.43
CA SER E 179 -20.96 -41.55 20.12
C SER E 179 -21.82 -40.98 19.01
N PHE E 180 -23.14 -40.97 19.19
CA PHE E 180 -24.02 -40.34 18.21
C PHE E 180 -23.65 -38.88 18.01
N LEU E 181 -23.75 -38.08 19.07
CA LEU E 181 -23.50 -36.64 18.96
C LEU E 181 -22.04 -36.31 18.65
N GLU E 182 -21.14 -37.28 18.75
CA GLU E 182 -19.79 -37.09 18.25
C GLU E 182 -19.65 -37.36 16.77
N PHE E 183 -20.20 -38.48 16.29
CA PHE E 183 -19.74 -39.09 15.05
C PHE E 183 -20.80 -39.27 13.98
N VAL E 184 -22.09 -39.21 14.31
CA VAL E 184 -23.09 -39.44 13.28
C VAL E 184 -23.45 -38.15 12.56
N ILE E 185 -23.72 -37.09 13.31
CA ILE E 185 -24.06 -35.81 12.69
C ILE E 185 -22.92 -35.25 11.85
N PRO E 186 -21.67 -35.19 12.32
CA PRO E 186 -20.62 -34.63 11.47
C PRO E 186 -20.42 -35.34 10.15
N VAL E 187 -20.52 -36.67 10.11
CA VAL E 187 -20.30 -37.39 8.86
C VAL E 187 -21.39 -37.04 7.85
N ILE E 188 -22.65 -37.01 8.30
CA ILE E 188 -23.75 -36.65 7.41
C ILE E 188 -23.55 -35.24 6.86
N LEU E 189 -23.24 -34.29 7.75
CA LEU E 189 -23.11 -32.91 7.30
C LEU E 189 -21.96 -32.74 6.32
N VAL E 190 -20.81 -33.35 6.58
CA VAL E 190 -19.68 -33.21 5.67
C VAL E 190 -20.01 -33.84 4.32
N ALA E 191 -20.65 -35.01 4.32
CA ALA E 191 -21.01 -35.65 3.06
C ALA E 191 -21.96 -34.78 2.25
N TYR E 192 -22.98 -34.23 2.90
CA TYR E 192 -23.97 -33.42 2.20
C TYR E 192 -23.34 -32.17 1.60
N PHE E 193 -22.51 -31.47 2.39
CA PHE E 193 -21.88 -30.25 1.88
C PHE E 193 -20.97 -30.55 0.70
N ASN E 194 -20.18 -31.63 0.79
CA ASN E 194 -19.25 -31.91 -0.30
C ASN E 194 -19.98 -32.36 -1.57
N MET E 195 -21.06 -33.13 -1.44
CA MET E 195 -21.84 -33.49 -2.63
C MET E 195 -22.45 -32.27 -3.29
N ASN E 196 -22.97 -31.33 -2.49
CA ASN E 196 -23.51 -30.11 -3.09
C ASN E 196 -22.45 -29.31 -3.82
N ILE E 197 -21.25 -29.19 -3.25
CA ILE E 197 -20.18 -28.50 -3.96
C ILE E 197 -19.92 -29.16 -5.30
N TYR E 198 -19.82 -30.49 -5.30
CA TYR E 198 -19.52 -31.21 -6.54
C TYR E 198 -20.61 -30.97 -7.58
N TRP E 199 -21.88 -31.06 -7.19
CA TRP E 199 -22.96 -30.87 -8.15
C TRP E 199 -22.99 -29.45 -8.70
N SER E 200 -22.78 -28.46 -7.84
CA SER E 200 -22.79 -27.08 -8.33
C SER E 200 -21.66 -26.85 -9.33
N LEU E 201 -20.54 -27.55 -9.21
CA LEU E 201 -19.58 -27.44 -10.30
C LEU E 201 -20.01 -28.23 -11.54
N TRP E 202 -20.52 -29.45 -11.35
CA TRP E 202 -20.75 -30.35 -12.47
C TRP E 202 -21.85 -29.83 -13.40
N LYS E 203 -22.90 -29.23 -12.82
CA LYS E 203 -23.96 -28.65 -13.66
C LYS E 203 -23.41 -27.60 -14.61
N ARG E 204 -22.37 -26.87 -14.22
CA ARG E 204 -21.81 -25.79 -15.00
C ARG E 204 -20.64 -26.24 -15.88
N ASP E 205 -20.58 -27.53 -16.22
CA ASP E 205 -19.40 -28.03 -16.92
C ASP E 205 -19.37 -27.55 -18.37
N HIS E 206 -20.50 -27.59 -19.07
CA HIS E 206 -20.52 -27.29 -20.49
C HIS E 206 -21.83 -26.63 -20.90
N VAL E 293 -11.32 -32.09 -21.69
CA VAL E 293 -10.51 -31.38 -20.70
C VAL E 293 -11.34 -31.12 -19.45
N GLU E 294 -12.66 -30.99 -19.63
CA GLU E 294 -13.56 -30.84 -18.50
C GLU E 294 -13.60 -32.10 -17.65
N LEU E 295 -13.54 -33.27 -18.30
CA LEU E 295 -13.63 -34.54 -17.59
C LEU E 295 -12.54 -34.66 -16.54
N LEU E 296 -11.31 -34.26 -16.88
CA LEU E 296 -10.21 -34.39 -15.93
C LEU E 296 -10.46 -33.56 -14.68
N ARG E 297 -10.93 -32.33 -14.83
CA ARG E 297 -11.12 -31.48 -13.66
C ARG E 297 -12.33 -31.92 -12.84
N ALA E 298 -13.39 -32.39 -13.49
CA ALA E 298 -14.52 -32.92 -12.73
C ALA E 298 -14.10 -34.14 -11.91
N ARG E 299 -13.31 -35.02 -12.52
CA ARG E 299 -12.82 -36.19 -11.79
C ARG E 299 -11.86 -35.78 -10.68
N ARG E 300 -11.08 -34.73 -10.89
CA ARG E 300 -10.16 -34.26 -9.84
C ARG E 300 -10.94 -33.75 -8.64
N LEU E 301 -11.99 -32.96 -8.88
CA LEU E 301 -12.83 -32.49 -7.78
C LEU E 301 -13.45 -33.65 -7.02
N ALA E 302 -13.99 -34.63 -7.77
CA ALA E 302 -14.61 -35.78 -7.12
C ALA E 302 -13.59 -36.53 -6.26
N LYS E 303 -12.39 -36.73 -6.79
CA LYS E 303 -11.35 -37.43 -6.05
C LYS E 303 -10.99 -36.71 -4.76
N SER E 304 -10.85 -35.38 -4.82
CA SER E 304 -10.42 -34.65 -3.64
C SER E 304 -11.48 -34.68 -2.54
N LEU E 305 -12.74 -34.47 -2.90
CA LEU E 305 -13.78 -34.55 -1.88
C LEU E 305 -13.87 -35.95 -1.29
N ALA E 306 -13.71 -36.98 -2.13
CA ALA E 306 -13.69 -38.34 -1.62
C ALA E 306 -12.57 -38.55 -0.62
N ILE E 307 -11.37 -38.04 -0.92
CA ILE E 307 -10.24 -38.22 -0.02
C ILE E 307 -10.53 -37.59 1.34
N LEU E 308 -11.05 -36.37 1.35
CA LEU E 308 -11.30 -35.71 2.63
C LEU E 308 -12.30 -36.52 3.47
N LEU E 309 -13.46 -36.85 2.89
CA LEU E 309 -14.48 -37.54 3.67
C LEU E 309 -14.00 -38.92 4.12
N GLY E 310 -13.27 -39.62 3.25
CA GLY E 310 -12.79 -40.94 3.59
C GLY E 310 -11.79 -40.94 4.71
N VAL E 311 -10.83 -40.02 4.68
CA VAL E 311 -9.86 -39.96 5.78
C VAL E 311 -10.56 -39.69 7.09
N PHE E 312 -11.50 -38.75 7.09
CA PHE E 312 -12.24 -38.47 8.32
C PHE E 312 -12.92 -39.73 8.86
N ALA E 313 -13.70 -40.41 8.02
CA ALA E 313 -14.47 -41.56 8.50
C ALA E 313 -13.58 -42.70 8.96
N VAL E 314 -12.54 -43.01 8.20
CA VAL E 314 -11.66 -44.12 8.55
C VAL E 314 -10.93 -43.84 9.85
N CYS E 315 -10.48 -42.60 10.06
CA CYS E 315 -9.77 -42.32 11.30
C CYS E 315 -10.69 -42.37 12.51
N TRP E 316 -11.97 -42.00 12.37
CA TRP E 316 -12.75 -41.83 13.59
C TRP E 316 -13.79 -42.90 13.88
N ALA E 317 -14.07 -43.83 12.96
CA ALA E 317 -15.13 -44.81 13.24
C ALA E 317 -14.72 -46.02 14.12
N PRO E 318 -13.61 -46.70 13.81
CA PRO E 318 -13.40 -48.03 14.42
C PRO E 318 -13.41 -48.05 15.94
N TYR E 319 -12.78 -47.08 16.59
CA TYR E 319 -12.73 -47.10 18.05
C TYR E 319 -14.12 -46.99 18.64
N SER E 320 -14.95 -46.08 18.11
CA SER E 320 -16.28 -45.91 18.66
C SER E 320 -17.12 -47.19 18.48
N LEU E 321 -17.09 -47.77 17.27
CA LEU E 321 -17.87 -48.98 17.07
C LEU E 321 -17.39 -50.12 17.95
N PHE E 322 -16.08 -50.31 18.05
CA PHE E 322 -15.56 -51.45 18.83
C PHE E 322 -15.86 -51.26 20.31
N THR E 323 -15.76 -50.02 20.80
CA THR E 323 -16.09 -49.74 22.19
C THR E 323 -17.54 -50.05 22.50
N ILE E 324 -18.46 -49.58 21.66
CA ILE E 324 -19.87 -49.81 21.97
C ILE E 324 -20.21 -51.30 21.86
N VAL E 325 -19.61 -52.00 20.89
CA VAL E 325 -19.87 -53.43 20.77
C VAL E 325 -19.38 -54.17 22.02
N LEU E 326 -18.18 -53.86 22.52
CA LEU E 326 -17.74 -54.49 23.75
C LEU E 326 -18.68 -54.17 24.90
N SER E 327 -19.10 -52.91 25.01
CA SER E 327 -19.93 -52.53 26.15
C SER E 327 -21.31 -53.17 26.12
N PHE E 328 -21.80 -53.58 24.95
CA PHE E 328 -23.18 -54.04 24.89
C PHE E 328 -23.33 -55.45 25.48
N TYR E 329 -22.27 -56.26 25.43
CA TYR E 329 -22.29 -57.60 26.02
C TYR E 329 -21.43 -57.72 27.27
N SER E 330 -20.14 -57.45 27.16
CA SER E 330 -19.16 -57.80 28.19
C SER E 330 -18.45 -56.52 28.64
N SER E 331 -18.80 -56.06 29.84
CA SER E 331 -18.18 -54.86 30.38
C SER E 331 -16.75 -55.16 30.80
N ALA E 332 -15.89 -55.42 29.81
CA ALA E 332 -14.51 -55.82 30.07
C ALA E 332 -13.65 -54.59 30.26
N THR E 333 -13.21 -54.36 31.50
CA THR E 333 -12.25 -53.31 31.81
C THR E 333 -10.91 -53.87 32.25
N GLY E 334 -10.75 -55.19 32.22
CA GLY E 334 -9.49 -55.82 32.53
C GLY E 334 -8.55 -55.77 31.34
N PRO E 335 -7.67 -56.75 31.24
CA PRO E 335 -6.78 -56.82 30.07
C PRO E 335 -7.57 -56.91 28.78
N LYS E 336 -7.09 -56.21 27.76
CA LYS E 336 -7.76 -56.13 26.47
C LYS E 336 -6.79 -56.49 25.36
N SER E 337 -7.35 -56.90 24.23
CA SER E 337 -6.55 -57.35 23.10
C SER E 337 -5.83 -56.15 22.46
N VAL E 338 -5.05 -56.46 21.41
CA VAL E 338 -4.30 -55.41 20.73
C VAL E 338 -5.21 -54.52 19.88
N TRP E 339 -6.40 -55.01 19.54
CA TRP E 339 -7.32 -54.23 18.71
C TRP E 339 -7.73 -52.93 19.41
N TYR E 340 -8.00 -53.01 20.71
CA TYR E 340 -8.40 -51.82 21.46
C TYR E 340 -7.33 -50.75 21.41
N ARG E 341 -6.07 -51.13 21.62
CA ARG E 341 -4.98 -50.16 21.59
C ARG E 341 -4.77 -49.61 20.18
N ILE E 342 -4.90 -50.46 19.17
CA ILE E 342 -4.74 -49.98 17.79
C ILE E 342 -5.78 -48.91 17.47
N ALA E 343 -7.03 -49.16 17.85
CA ALA E 343 -8.07 -48.16 17.63
C ALA E 343 -7.79 -46.89 18.43
N PHE E 344 -7.39 -47.06 19.70
CA PHE E 344 -7.09 -45.91 20.55
C PHE E 344 -6.08 -44.99 19.90
N TRP E 345 -4.99 -45.54 19.37
CA TRP E 345 -3.97 -44.68 18.79
C TRP E 345 -4.37 -44.19 17.40
N LEU E 346 -5.15 -44.97 16.67
CA LEU E 346 -5.62 -44.50 15.36
C LEU E 346 -6.44 -43.23 15.52
N GLN E 347 -7.21 -43.11 16.60
CA GLN E 347 -8.01 -41.90 16.77
C GLN E 347 -7.14 -40.65 16.98
N TRP E 348 -6.01 -40.77 17.67
CA TRP E 348 -5.10 -39.64 17.82
C TRP E 348 -4.30 -39.36 16.56
N PHE E 349 -4.14 -40.35 15.69
CA PHE E 349 -3.42 -40.13 14.43
C PHE E 349 -4.09 -39.05 13.57
N ASN E 350 -5.40 -38.86 13.75
CA ASN E 350 -6.13 -37.88 12.96
C ASN E 350 -5.67 -36.46 13.25
N SER E 351 -5.26 -36.16 14.48
CA SER E 351 -4.81 -34.81 14.81
C SER E 351 -3.45 -34.52 14.20
N PHE E 352 -2.72 -35.54 13.74
CA PHE E 352 -1.50 -35.32 12.98
C PHE E 352 -1.80 -35.24 11.49
N VAL E 353 -2.83 -35.94 11.03
CA VAL E 353 -3.23 -35.82 9.62
C VAL E 353 -3.85 -34.45 9.33
N ASN E 354 -4.59 -33.89 10.28
CA ASN E 354 -5.45 -32.74 10.00
C ASN E 354 -4.78 -31.52 9.38
N PRO E 355 -3.62 -31.02 9.85
CA PRO E 355 -3.10 -29.79 9.26
C PRO E 355 -2.30 -29.97 7.98
N LEU E 356 -2.18 -31.18 7.43
CA LEU E 356 -1.64 -31.36 6.09
C LEU E 356 -2.68 -31.12 5.02
N LEU E 357 -3.95 -31.38 5.32
CA LEU E 357 -5.01 -31.28 4.31
C LEU E 357 -5.57 -29.86 4.19
N TYR E 358 -6.13 -29.32 5.25
CA TYR E 358 -6.85 -28.05 5.10
C TYR E 358 -5.93 -26.84 4.96
N PRO E 359 -5.04 -26.53 5.93
CA PRO E 359 -4.29 -25.27 5.83
C PRO E 359 -3.28 -25.25 4.70
N LEU E 360 -2.69 -26.38 4.39
CA LEU E 360 -1.56 -26.43 3.48
C LEU E 360 -1.95 -26.59 2.03
N CYS E 361 -3.22 -26.90 1.74
CA CYS E 361 -3.71 -26.85 0.37
C CYS E 361 -4.14 -25.45 -0.05
N HIS E 362 -4.57 -24.64 0.91
CA HIS E 362 -4.98 -23.27 0.63
C HIS E 362 -3.77 -22.49 0.12
N LYS E 363 -4.01 -21.53 -0.77
CA LYS E 363 -2.91 -20.96 -1.56
C LYS E 363 -2.15 -19.87 -0.81
N ARG E 364 -2.87 -18.98 -0.12
CA ARG E 364 -2.21 -17.87 0.55
C ARG E 364 -1.43 -18.34 1.78
N PHE E 365 -1.94 -19.35 2.50
CA PHE E 365 -1.13 -20.00 3.52
C PHE E 365 0.16 -20.57 2.93
N GLN E 366 0.06 -21.18 1.74
CA GLN E 366 1.26 -21.71 1.10
C GLN E 366 2.25 -20.60 0.79
N LYS E 367 1.77 -19.45 0.31
CA LYS E 367 2.67 -18.34 0.02
C LYS E 367 3.32 -17.83 1.30
N ALA E 368 2.55 -17.69 2.38
CA ALA E 368 3.13 -17.25 3.65
C ALA E 368 4.18 -18.22 4.15
N PHE E 369 3.92 -19.52 4.05
CA PHE E 369 4.93 -20.51 4.39
C PHE E 369 6.17 -20.34 3.51
N LEU E 370 5.97 -20.05 2.23
CA LEU E 370 7.10 -19.91 1.32
C LEU E 370 7.98 -18.72 1.70
N LYS E 371 7.37 -17.62 2.14
CA LYS E 371 8.17 -16.45 2.48
C LYS E 371 9.11 -16.72 3.64
N ILE E 372 8.62 -17.38 4.67
CA ILE E 372 9.40 -17.60 5.89
C ILE E 372 10.32 -18.79 5.71
#